data_9IPU
#
_entry.id   9IPU
#
_cell.length_a   1.00
_cell.length_b   1.00
_cell.length_c   1.00
_cell.angle_alpha   90.00
_cell.angle_beta   90.00
_cell.angle_gamma   90.00
#
_symmetry.space_group_name_H-M   'P 1'
#
loop_
_entity.id
_entity.type
_entity.pdbx_description
1 polymer 'Histone H1.0'
2 polymer 'Histone H3.2'
3 polymer 'Histone H4'
4 polymer 'Histone H2A type 1-B/E'
5 polymer 'Histone H2B type 1-K'
6 polymer 'Ubiquitin-conjugating enzyme E2 D3'
7 polymer 'E3 ubiquitin-protein ligase RNF168'
8 polymer Ubiquitin
9 polymer 'DNA (171-MER)'
10 polymer 'DNA (171-MER)'
11 non-polymer 'ZINC ION'
#
loop_
_entity_poly.entity_id
_entity_poly.type
_entity_poly.pdbx_seq_one_letter_code
_entity_poly.pdbx_strand_id
1 'polypeptide(L)'
;MTENSTSAPAAKPKRAKASKKSTDHPKYSDMIVAAIQAEKNRAGSSRQSIQKYIKSHYKVGENADSQIKLSIKRLVTTGV
LCQTKGVGASGSFRLAKSDEPKKSVAFKKTKKEIKKVATPKKASKPKKAASKAPTKKPKATPVKKAKKKLAATPKKAKKP
KTVKAKPVKASKPKKAKPVKPKAKSSAKRAGKKK
;
I
2 'polypeptide(L)'
;ARTKQTARKSTGGKAPRKQLATKAARKSAPATGGVKKPHRYRPGTVALREIRRYQKSTELLIRKLPFQRLVREIAQDFKT
DLRFQSSAVMALQEASEAYLVGLFEDTNLSAIHAKRVTIMPKDIQLARRIRGERA
;
A,E
3 'polypeptide(L)'
;SGRGKGGKGLGKGGAKRHRKVLRDNIQGITKPAIRRLARRGGVKRISGLIYEETRGVLKVFLENVIRDAVTYTEHAKRKT
VTAMDVVYALKRQGRTLYGFGG
;
B,F
4 'polypeptide(L)'
;SGRGKQGGKARAKACTRSSRAGLQFPVGRVHRLLRKGNYSERVGAGAPVYLAAVLEYLTAEILELAGNAARDNKKTRIIP
RHLQLAIRNDEELNKLLGRVTIAQGGVLPNIQAVLLPKKTESHHKAKGK
;
C,G
5 'polypeptide(L)'
;PEPAKSAPAPKKGSKKAVTKAQKKDGKKRKRSRKESYSVYVYKVLKQVHPDTGISSKAMGIMNSFVNDIFERIAGEASRL
AHYNKRSTITSREIQTAVRLLLPGELAKHAVSEGTKAVTKYTSAK
;
D,H
6 'polypeptide(L)'
;MALKRINKELSDLARDPPAQSSAGPVGDDMFHWQATIMGPNDSPYQGGVFFLTIHFPTDYPFKPPKVAFTTRIYHPNINS
NGSICLDILRSQWSPALTISKVLLSISSLLSDPNPDDPLVPEIARIYKTDRDKYNRISREWTQKYAM
;
K
7 'polypeptide(L)'
;MALPKDAIPSLSECQCGICMEILVEPVTLPCNHTLCKPCFQSTVEKASLCCPFCRRRVSSWTRYHTRRNSLVNVELWTII
QKHYPRECKLRASGQESEEVADDYQPVRLLSKPGELRREYEEEISKVAAERRASEEEENKASEEYIQRLLAEEEEEEKRQ
AEKRRRAMEEQLKSDEELARKLSIDINNFCEGS
;
L
8 'polypeptide(L)' MQIFVKTLTGKTITLEVEPSDTIENVKAKIQDKEGIPPDQQRLIFAGKQLEDGRTLSDYNIQKESTLHLVLRLRG M
9 'polydeoxyribonucleotide'
;(DT)(DT)(DG)(DG)(DC)(DC)(DA)(DG)(DC)(DT)(DA)(DG)(DG)(DA)(DT)(DA)(DT)(DC)(DA)(DC)
(DA)(DA)(DT)(DC)(DC)(DC)(DG)(DG)(DT)(DG)(DC)(DC)(DG)(DA)(DG)(DG)(DC)(DC)(DG)(DC)
(DT)(DC)(DA)(DA)(DT)(DT)(DG)(DG)(DT)(DC)(DG)(DT)(DA)(DG)(DA)(DC)(DA)(DG)(DC)(DT)
(DC)(DT)(DA)(DG)(DC)(DA)(DC)(DC)(DG)(DC)(DT)(DT)(DA)(DA)(DA)(DC)(DG)(DC)(DA)(DC)
(DG)(DT)(DA)(DC)(DG)(DG)(DA)(DA)(DT)(DC)(DC)(DG)(DT)(DA)(DC)(DG)(DT)(DG)(DC)(DG)
(DT)(DT)(DT)(DA)(DA)(DG)(DC)(DG)(DG)(DT)(DG)(DC)(DT)(DA)(DG)(DA)(DG)(DC)(DT)(DG)
(DT)(DC)(DT)(DA)(DC)(DG)(DA)(DC)(DC)(DA)(DA)(DT)(DT)(DG)(DA)(DG)(DC)(DG)(DG)(DC)
(DC)(DT)(DC)(DG)(DG)(DC)(DA)(DC)(DC)(DG)(DG)(DG)(DA)(DT)(DT)(DG)(DT)(DG)(DA)(DT)
(DA)(DT)(DC)(DC)(DT)(DA)(DG)(DC)(DT)(DG)(DG)
;
J
10 'polydeoxyribonucleotide'
;(DC)(DC)(DA)(DG)(DC)(DT)(DA)(DG)(DG)(DA)(DT)(DA)(DT)(DC)(DA)(DC)(DA)(DA)(DT)(DC)
(DC)(DC)(DG)(DG)(DT)(DG)(DC)(DC)(DG)(DA)(DG)(DG)(DC)(DC)(DG)(DC)(DT)(DC)(DA)(DA)
(DT)(DT)(DG)(DG)(DT)(DC)(DG)(DT)(DA)(DG)(DA)(DC)(DA)(DG)(DC)(DT)(DC)(DT)(DA)(DG)
(DC)(DA)(DC)(DC)(DG)(DC)(DT)(DT)(DA)(DA)(DA)(DC)(DG)(DC)(DA)(DC)(DG)(DT)(DA)(DC)
(DG)(DG)(DA)(DT)(DT)(DC)(DC)(DG)(DT)(DA)(DC)(DG)(DT)(DG)(DC)(DG)(DT)(DT)(DT)(DA)
(DA)(DG)(DC)(DG)(DG)(DT)(DG)(DC)(DT)(DA)(DG)(DA)(DG)(DC)(DT)(DG)(DT)(DC)(DT)(DA)
(DC)(DG)(DA)(DC)(DC)(DA)(DA)(DT)(DT)(DG)(DA)(DG)(DC)(DG)(DG)(DC)(DC)(DT)(DC)(DG)
(DG)(DC)(DA)(DC)(DC)(DG)(DG)(DG)(DA)(DT)(DT)(DG)(DT)(DG)(DA)(DT)(DA)(DT)(DC)(DC)
(DT)(DA)(DG)(DC)(DT)(DG)(DG)(DC)(DC)(DA)(DA)
;
N
#
loop_
_chem_comp.id
_chem_comp.type
_chem_comp.name
_chem_comp.formula
DA DNA linking 2'-DEOXYADENOSINE-5'-MONOPHOSPHATE 'C10 H14 N5 O6 P'
DC DNA linking 2'-DEOXYCYTIDINE-5'-MONOPHOSPHATE 'C9 H14 N3 O7 P'
DG DNA linking 2'-DEOXYGUANOSINE-5'-MONOPHOSPHATE 'C10 H14 N5 O7 P'
DT DNA linking THYMIDINE-5'-MONOPHOSPHATE 'C10 H15 N2 O8 P'
ZN non-polymer 'ZINC ION' 'Zn 2'
#
# COMPACT_ATOMS: atom_id res chain seq x y z
N HIS A 25 -21.18 -10.76 70.57
CA HIS A 25 -22.30 -10.17 69.85
C HIS A 25 -23.58 -10.99 70.02
N PRO A 26 -24.76 -10.34 69.96
CA PRO A 26 -26.04 -11.04 70.00
C PRO A 26 -26.24 -11.90 68.74
N LYS A 27 -27.33 -12.67 68.67
CA LYS A 27 -27.60 -13.53 67.51
C LYS A 27 -27.65 -12.68 66.24
N TYR A 28 -27.16 -13.20 65.12
CA TYR A 28 -27.29 -12.55 63.82
C TYR A 28 -28.73 -12.16 63.45
N SER A 29 -29.73 -12.93 63.92
CA SER A 29 -31.13 -12.56 63.74
C SER A 29 -31.45 -11.21 64.38
N ASP A 30 -31.02 -11.01 65.61
CA ASP A 30 -31.26 -9.79 66.39
C ASP A 30 -30.45 -8.63 65.83
N MET A 31 -29.19 -8.87 65.44
CA MET A 31 -28.37 -7.86 64.76
C MET A 31 -28.99 -7.36 63.45
N ILE A 32 -29.63 -8.25 62.67
CA ILE A 32 -30.33 -7.89 61.43
C ILE A 32 -31.59 -7.06 61.74
N VAL A 33 -32.36 -7.46 62.75
CA VAL A 33 -33.56 -6.71 63.19
C VAL A 33 -33.16 -5.32 63.67
N ALA A 34 -32.12 -5.22 64.49
CA ALA A 34 -31.57 -3.96 64.97
C ALA A 34 -31.08 -3.07 63.82
N ALA A 35 -30.40 -3.63 62.82
CA ALA A 35 -29.95 -2.90 61.64
C ALA A 35 -31.11 -2.27 60.86
N ILE A 36 -32.18 -3.05 60.64
CA ILE A 36 -33.38 -2.59 59.93
C ILE A 36 -34.14 -1.52 60.73
N GLN A 37 -34.12 -1.59 62.07
CA GLN A 37 -34.75 -0.58 62.93
C GLN A 37 -33.93 0.72 63.03
N ALA A 38 -32.60 0.59 63.05
CA ALA A 38 -31.70 1.73 63.10
C ALA A 38 -31.74 2.55 61.81
N GLU A 39 -31.70 1.87 60.66
CA GLU A 39 -31.75 2.52 59.35
C GLU A 39 -33.21 2.69 58.88
N LYS A 40 -33.77 3.88 59.14
CA LYS A 40 -35.17 4.22 58.78
C LYS A 40 -35.33 4.52 57.29
N ASN A 41 -34.98 3.56 56.44
CA ASN A 41 -35.16 3.66 55.00
C ASN A 41 -36.59 3.26 54.60
N ARG A 42 -37.23 4.02 53.70
CA ARG A 42 -38.57 3.74 53.18
C ARG A 42 -38.69 2.35 52.56
N ALA A 43 -37.64 1.85 51.90
CA ALA A 43 -37.60 0.52 51.30
C ALA A 43 -37.17 -0.60 52.27
N GLY A 44 -36.78 -0.26 53.49
CA GLY A 44 -36.04 -1.13 54.40
C GLY A 44 -34.54 -1.14 54.10
N SER A 45 -33.79 -1.98 54.79
CA SER A 45 -32.33 -2.08 54.64
C SER A 45 -31.95 -3.14 53.61
N SER A 46 -30.98 -2.80 52.77
CA SER A 46 -30.38 -3.76 51.83
C SER A 46 -29.46 -4.72 52.57
N ARG A 47 -29.17 -5.90 51.99
CA ARG A 47 -28.14 -6.80 52.54
C ARG A 47 -26.81 -6.07 52.80
N GLN A 48 -26.41 -5.17 51.89
CA GLN A 48 -25.17 -4.40 52.02
C GLN A 48 -25.23 -3.40 53.18
N SER A 49 -26.37 -2.72 53.36
CA SER A 49 -26.56 -1.80 54.49
C SER A 49 -26.53 -2.55 55.82
N ILE A 50 -27.22 -3.69 55.90
CA ILE A 50 -27.21 -4.58 57.08
C ILE A 50 -25.79 -5.04 57.39
N GLN A 51 -25.05 -5.47 56.36
CA GLN A 51 -23.65 -5.90 56.49
C GLN A 51 -22.76 -4.78 57.03
N LYS A 52 -22.91 -3.55 56.51
CA LYS A 52 -22.17 -2.38 56.97
C LYS A 52 -22.51 -2.03 58.42
N TYR A 53 -23.79 -2.01 58.77
CA TYR A 53 -24.24 -1.70 60.12
C TYR A 53 -23.70 -2.69 61.14
N ILE A 54 -23.80 -4.00 60.86
CA ILE A 54 -23.37 -5.04 61.80
C ILE A 54 -21.85 -4.96 62.03
N LYS A 55 -21.07 -4.78 60.97
CA LYS A 55 -19.61 -4.65 61.08
C LYS A 55 -19.17 -3.39 61.82
N SER A 56 -19.97 -2.32 61.82
CA SER A 56 -19.62 -1.08 62.53
C SER A 56 -20.11 -1.01 63.98
N HIS A 57 -21.15 -1.77 64.35
CA HIS A 57 -21.75 -1.70 65.68
C HIS A 57 -21.40 -2.90 66.58
N TYR A 58 -21.00 -4.04 66.00
CA TYR A 58 -20.73 -5.26 66.76
C TYR A 58 -19.36 -5.85 66.41
N LYS A 59 -18.74 -6.50 67.40
CA LYS A 59 -17.51 -7.28 67.21
C LYS A 59 -17.86 -8.62 66.55
N VAL A 60 -17.85 -8.63 65.21
CA VAL A 60 -18.14 -9.83 64.41
C VAL A 60 -16.85 -10.40 63.79
N GLY A 61 -16.79 -11.72 63.66
CA GLY A 61 -15.65 -12.41 63.02
C GLY A 61 -15.70 -12.34 61.49
N GLU A 62 -14.67 -12.88 60.84
CA GLU A 62 -14.51 -12.88 59.37
C GLU A 62 -15.68 -13.55 58.62
N ASN A 63 -16.37 -14.48 59.28
CA ASN A 63 -17.51 -15.21 58.73
C ASN A 63 -18.84 -14.44 58.74
N ALA A 64 -18.84 -13.16 59.13
CA ALA A 64 -20.04 -12.35 59.29
C ALA A 64 -20.90 -12.31 58.01
N ASP A 65 -20.28 -12.16 56.84
CA ASP A 65 -20.99 -11.99 55.57
C ASP A 65 -21.81 -13.22 55.18
N SER A 66 -21.28 -14.41 55.47
CA SER A 66 -21.92 -15.71 55.27
C SER A 66 -23.03 -15.93 56.28
N GLN A 67 -22.81 -15.59 57.55
CA GLN A 67 -23.82 -15.71 58.61
C GLN A 67 -25.00 -14.76 58.41
N ILE A 68 -24.76 -13.53 57.94
CA ILE A 68 -25.80 -12.57 57.57
C ILE A 68 -26.62 -13.10 56.39
N LYS A 69 -25.97 -13.59 55.33
CA LYS A 69 -26.64 -14.17 54.15
C LYS A 69 -27.55 -15.34 54.55
N LEU A 70 -27.04 -16.25 55.38
CA LEU A 70 -27.81 -17.39 55.89
C LEU A 70 -28.98 -16.95 56.78
N SER A 71 -28.75 -16.01 57.69
CA SER A 71 -29.76 -15.53 58.63
C SER A 71 -30.88 -14.79 57.91
N ILE A 72 -30.58 -13.95 56.90
CA ILE A 72 -31.61 -13.30 56.08
C ILE A 72 -32.49 -14.35 55.38
N LYS A 73 -31.91 -15.38 54.75
CA LYS A 73 -32.69 -16.45 54.10
C LYS A 73 -33.64 -17.11 55.10
N ARG A 74 -33.15 -17.43 56.29
CA ARG A 74 -33.95 -18.05 57.37
C ARG A 74 -35.08 -17.13 57.83
N LEU A 75 -34.79 -15.85 58.08
CA LEU A 75 -35.79 -14.89 58.55
C LEU A 75 -36.87 -14.59 57.51
N VAL A 76 -36.52 -14.61 56.22
CA VAL A 76 -37.50 -14.50 55.13
C VAL A 76 -38.37 -15.76 55.07
N THR A 77 -37.79 -16.96 55.22
CA THR A 77 -38.58 -18.22 55.23
C THR A 77 -39.47 -18.36 56.47
N THR A 78 -39.02 -17.87 57.64
CA THR A 78 -39.81 -17.85 58.88
C THR A 78 -40.89 -16.77 58.86
N GLY A 79 -40.79 -15.77 57.97
CA GLY A 79 -41.75 -14.67 57.86
C GLY A 79 -41.48 -13.48 58.79
N VAL A 80 -40.32 -13.43 59.46
CA VAL A 80 -39.91 -12.28 60.29
C VAL A 80 -39.53 -11.08 59.41
N LEU A 81 -38.97 -11.34 58.23
CA LEU A 81 -38.63 -10.32 57.24
C LEU A 81 -39.50 -10.44 55.99
N CYS A 82 -40.01 -9.31 55.50
CA CYS A 82 -40.69 -9.18 54.20
C CYS A 82 -39.71 -8.63 53.18
N GLN A 83 -39.56 -9.34 52.06
CA GLN A 83 -38.73 -8.91 50.93
C GLN A 83 -39.44 -7.79 50.15
N THR A 84 -38.76 -6.66 49.94
CA THR A 84 -39.30 -5.52 49.19
C THR A 84 -38.70 -5.38 47.80
N LYS A 85 -37.44 -5.80 47.64
CA LYS A 85 -36.69 -5.78 46.39
C LYS A 85 -35.81 -7.02 46.27
N GLY A 86 -35.50 -7.39 45.04
CA GLY A 86 -34.62 -8.52 44.72
C GLY A 86 -35.25 -9.89 44.96
N VAL A 87 -34.42 -10.93 44.90
CA VAL A 87 -34.81 -12.33 45.10
C VAL A 87 -33.79 -13.01 46.01
N GLY A 88 -34.28 -13.79 46.98
CA GLY A 88 -33.44 -14.52 47.93
C GLY A 88 -32.76 -13.59 48.93
N ALA A 89 -31.48 -13.85 49.23
CA ALA A 89 -30.69 -13.01 50.15
C ALA A 89 -30.22 -11.69 49.52
N SER A 90 -30.41 -11.53 48.20
CA SER A 90 -30.07 -10.31 47.49
C SER A 90 -31.27 -9.37 47.44
N GLY A 91 -31.07 -8.12 47.84
CA GLY A 91 -32.10 -7.09 47.82
C GLY A 91 -32.30 -6.42 49.18
N SER A 92 -33.53 -5.96 49.40
CA SER A 92 -33.94 -5.15 50.56
C SER A 92 -35.07 -5.79 51.33
N PHE A 93 -35.02 -5.62 52.65
CA PHE A 93 -35.89 -6.31 53.61
C PHE A 93 -36.47 -5.32 54.62
N ARG A 94 -37.72 -5.56 55.04
CA ARG A 94 -38.40 -4.85 56.12
C ARG A 94 -38.82 -5.86 57.18
N LEU A 95 -38.98 -5.42 58.42
CA LEU A 95 -39.63 -6.23 59.44
C LEU A 95 -41.08 -6.49 59.04
N ALA A 96 -41.51 -7.75 59.12
CA ALA A 96 -42.92 -8.07 59.03
C ALA A 96 -43.61 -7.53 60.28
N LYS B 37 -16.92 -46.92 39.90
CA LYS B 37 -17.49 -45.59 39.82
C LYS B 37 -16.88 -44.81 38.66
N PRO B 38 -17.70 -44.15 37.86
CA PRO B 38 -17.18 -43.38 36.74
C PRO B 38 -16.36 -42.18 37.18
N HIS B 39 -15.05 -42.25 36.95
CA HIS B 39 -14.14 -41.18 37.34
C HIS B 39 -14.13 -40.10 36.27
N ARG B 40 -14.41 -38.86 36.67
CA ARG B 40 -14.42 -37.73 35.76
C ARG B 40 -13.59 -36.60 36.33
N TYR B 41 -12.84 -35.93 35.47
CA TYR B 41 -12.10 -34.76 35.87
C TYR B 41 -12.99 -33.53 35.87
N ARG B 42 -12.60 -32.54 36.67
CA ARG B 42 -13.32 -31.28 36.68
C ARG B 42 -13.11 -30.54 35.37
N PRO B 43 -14.13 -29.82 34.90
CA PRO B 43 -13.99 -29.07 33.63
C PRO B 43 -12.84 -28.07 33.72
N GLY B 44 -12.01 -28.08 32.68
CA GLY B 44 -10.83 -27.23 32.60
C GLY B 44 -9.54 -27.92 32.98
N THR B 45 -9.62 -28.95 33.81
CA THR B 45 -8.42 -29.66 34.25
C THR B 45 -7.71 -30.38 33.10
N VAL B 46 -8.46 -31.00 32.21
CA VAL B 46 -7.84 -31.56 31.01
C VAL B 46 -7.48 -30.48 30.01
N ALA B 47 -8.19 -29.36 30.01
CA ALA B 47 -7.82 -28.25 29.13
C ALA B 47 -6.43 -27.75 29.47
N LEU B 48 -6.12 -27.61 30.76
CA LEU B 48 -4.78 -27.18 31.14
C LEU B 48 -3.72 -28.20 30.74
N ARG B 49 -3.98 -29.48 30.94
CA ARG B 49 -2.98 -30.48 30.57
C ARG B 49 -2.75 -30.50 29.08
N GLU B 50 -3.79 -30.34 28.27
CA GLU B 50 -3.58 -30.30 26.83
C GLU B 50 -2.97 -28.98 26.37
N ILE B 51 -3.18 -27.89 27.10
CA ILE B 51 -2.43 -26.67 26.82
C ILE B 51 -0.95 -26.92 27.02
N ARG B 52 -0.58 -27.54 28.14
CA ARG B 52 0.83 -27.89 28.35
C ARG B 52 1.32 -28.85 27.29
N ARG B 53 0.46 -29.76 26.83
CA ARG B 53 0.85 -30.73 25.82
C ARG B 53 1.15 -30.06 24.48
N TYR B 54 0.24 -29.21 24.01
CA TYR B 54 0.40 -28.61 22.70
C TYR B 54 1.36 -27.41 22.70
N GLN B 55 1.66 -26.84 23.85
CA GLN B 55 2.67 -25.80 23.88
C GLN B 55 4.08 -26.37 23.94
N LYS B 56 4.23 -27.69 23.98
CA LYS B 56 5.52 -28.33 23.99
C LYS B 56 5.84 -29.02 22.67
N SER B 57 4.83 -29.47 21.93
CA SER B 57 5.05 -30.13 20.65
C SER B 57 5.08 -29.11 19.52
N THR B 58 5.79 -29.47 18.45
CA THR B 58 5.98 -28.59 17.31
C THR B 58 5.32 -29.11 16.04
N GLU B 59 4.47 -30.13 16.15
CA GLU B 59 3.81 -30.68 15.00
C GLU B 59 2.75 -29.73 14.46
N LEU B 60 2.38 -29.94 13.21
CA LEU B 60 1.29 -29.18 12.62
C LEU B 60 -0.05 -29.73 13.12
N LEU B 61 -0.93 -28.83 13.52
CA LEU B 61 -2.16 -29.23 14.18
C LEU B 61 -3.34 -29.39 13.23
N ILE B 62 -3.23 -28.86 12.02
CA ILE B 62 -4.29 -28.97 11.03
C ILE B 62 -4.02 -30.18 10.15
N ARG B 63 -5.08 -30.82 9.67
CA ARG B 63 -4.92 -31.98 8.81
C ARG B 63 -4.47 -31.58 7.42
N LYS B 64 -3.39 -32.21 6.95
CA LYS B 64 -2.70 -31.76 5.75
C LYS B 64 -3.57 -31.88 4.52
N LEU B 65 -4.29 -32.99 4.38
CA LEU B 65 -5.10 -33.17 3.18
C LEU B 65 -6.21 -32.13 3.04
N PRO B 66 -7.06 -31.90 4.03
CA PRO B 66 -8.05 -30.82 3.88
C PRO B 66 -7.41 -29.46 3.79
N PHE B 67 -6.28 -29.21 4.46
CA PHE B 67 -5.65 -27.91 4.28
C PHE B 67 -5.21 -27.70 2.83
N GLN B 68 -4.63 -28.73 2.22
CA GLN B 68 -4.23 -28.62 0.83
C GLN B 68 -5.43 -28.43 -0.08
N ARG B 69 -6.52 -29.15 0.18
CA ARG B 69 -7.73 -28.92 -0.61
C ARG B 69 -8.19 -27.48 -0.50
N LEU B 70 -8.17 -26.91 0.70
CA LEU B 70 -8.57 -25.52 0.88
C LEU B 70 -7.65 -24.58 0.12
N VAL B 71 -6.35 -24.83 0.17
CA VAL B 71 -5.40 -23.95 -0.52
C VAL B 71 -5.65 -23.97 -2.02
N ARG B 72 -5.83 -25.17 -2.58
CA ARG B 72 -6.13 -25.26 -4.00
C ARG B 72 -7.46 -24.59 -4.35
N GLU B 73 -8.46 -24.76 -3.50
CA GLU B 73 -9.76 -24.13 -3.74
C GLU B 73 -9.63 -22.61 -3.76
N ILE B 74 -8.85 -22.05 -2.83
CA ILE B 74 -8.63 -20.61 -2.85
C ILE B 74 -7.88 -20.19 -4.11
N ALA B 75 -6.85 -20.94 -4.47
CA ALA B 75 -6.05 -20.56 -5.64
C ALA B 75 -6.80 -20.71 -6.94
N GLN B 76 -7.93 -21.43 -6.95
CA GLN B 76 -8.71 -21.53 -8.18
C GLN B 76 -9.16 -20.17 -8.69
N ASP B 77 -9.30 -19.19 -7.81
CA ASP B 77 -9.91 -17.91 -8.17
C ASP B 77 -8.92 -16.93 -8.77
N PHE B 78 -7.66 -17.31 -8.91
CA PHE B 78 -6.67 -16.43 -9.51
C PHE B 78 -6.16 -16.96 -10.84
N LYS B 79 -5.66 -18.20 -10.87
CA LYS B 79 -5.35 -18.87 -12.12
C LYS B 79 -5.87 -20.29 -12.06
N THR B 80 -6.45 -20.73 -13.17
CA THR B 80 -6.97 -22.09 -13.26
C THR B 80 -5.81 -23.07 -13.45
N ASP B 81 -6.10 -24.33 -13.14
CA ASP B 81 -5.17 -25.45 -13.26
C ASP B 81 -3.76 -25.10 -12.80
N LEU B 82 -3.64 -24.40 -11.68
CA LEU B 82 -2.34 -24.15 -11.11
C LEU B 82 -1.78 -25.41 -10.46
N ARG B 83 -0.46 -25.46 -10.35
CA ARG B 83 0.24 -26.56 -9.72
C ARG B 83 1.06 -26.04 -8.56
N PHE B 84 1.13 -26.85 -7.51
CA PHE B 84 1.78 -26.44 -6.28
C PHE B 84 2.92 -27.40 -5.96
N GLN B 85 4.01 -26.85 -5.45
CA GLN B 85 5.03 -27.69 -4.85
C GLN B 85 4.60 -28.09 -3.45
N SER B 86 4.88 -29.35 -3.11
CA SER B 86 4.52 -29.83 -1.77
C SER B 86 5.18 -28.99 -0.70
N SER B 87 6.42 -28.55 -0.93
CA SER B 87 7.07 -27.63 -0.01
C SER B 87 6.34 -26.31 0.08
N ALA B 88 5.79 -25.81 -1.03
CA ALA B 88 5.01 -24.58 -0.97
C ALA B 88 3.75 -24.75 -0.14
N VAL B 89 3.04 -25.86 -0.29
CA VAL B 89 1.85 -26.09 0.52
C VAL B 89 2.23 -26.20 1.99
N MET B 90 3.33 -26.88 2.28
CA MET B 90 3.80 -26.97 3.66
C MET B 90 4.13 -25.60 4.23
N ALA B 91 4.78 -24.75 3.43
CA ALA B 91 5.11 -23.41 3.89
C ALA B 91 3.86 -22.61 4.19
N LEU B 92 2.85 -22.71 3.33
CA LEU B 92 1.60 -22.04 3.60
C LEU B 92 0.97 -22.50 4.90
N GLN B 93 0.95 -23.81 5.15
CA GLN B 93 0.39 -24.30 6.40
C GLN B 93 1.19 -23.81 7.60
N GLU B 94 2.52 -23.86 7.49
CA GLU B 94 3.36 -23.42 8.59
C GLU B 94 3.14 -21.97 8.93
N ALA B 95 2.98 -21.12 7.92
CA ALA B 95 2.69 -19.71 8.17
C ALA B 95 1.30 -19.51 8.76
N SER B 96 0.29 -20.20 8.22
CA SER B 96 -1.07 -19.99 8.66
C SER B 96 -1.25 -20.41 10.12
N GLU B 97 -0.68 -21.56 10.49
CA GLU B 97 -0.84 -22.01 11.87
C GLU B 97 -0.16 -21.06 12.85
N ALA B 98 1.03 -20.57 12.52
CA ALA B 98 1.69 -19.61 13.39
C ALA B 98 0.88 -18.33 13.52
N TYR B 99 0.32 -17.85 12.41
CA TYR B 99 -0.50 -16.66 12.46
C TYR B 99 -1.72 -16.87 13.37
N LEU B 100 -2.38 -18.02 13.25
CA LEU B 100 -3.54 -18.27 14.09
C LEU B 100 -3.18 -18.40 15.56
N VAL B 101 -2.04 -19.03 15.87
CA VAL B 101 -1.61 -19.11 17.26
C VAL B 101 -1.34 -17.72 17.82
N GLY B 102 -0.64 -16.89 17.05
CA GLY B 102 -0.41 -15.53 17.48
C GLY B 102 -1.69 -14.76 17.70
N LEU B 103 -2.67 -14.94 16.82
CA LEU B 103 -3.96 -14.28 16.99
C LEU B 103 -4.65 -14.75 18.25
N PHE B 104 -4.60 -16.06 18.52
CA PHE B 104 -5.24 -16.60 19.71
C PHE B 104 -4.61 -16.10 21.00
N GLU B 105 -3.30 -15.89 21.02
CA GLU B 105 -2.70 -15.33 22.22
C GLU B 105 -3.31 -13.98 22.55
N ASP B 106 -3.38 -13.09 21.57
CA ASP B 106 -3.94 -11.76 21.81
C ASP B 106 -5.42 -11.81 22.13
N THR B 107 -6.18 -12.67 21.45
CA THR B 107 -7.59 -12.75 21.76
C THR B 107 -7.86 -13.38 23.11
N ASN B 108 -6.92 -14.16 23.64
CA ASN B 108 -7.04 -14.63 25.02
C ASN B 108 -6.70 -13.51 26.00
N LEU B 109 -5.70 -12.70 25.66
CA LEU B 109 -5.37 -11.57 26.52
C LEU B 109 -6.53 -10.59 26.62
N SER B 110 -7.22 -10.33 25.51
CA SER B 110 -8.38 -9.45 25.56
C SER B 110 -9.49 -10.02 26.42
N ALA B 111 -9.76 -11.32 26.29
CA ALA B 111 -10.80 -11.94 27.12
C ALA B 111 -10.45 -11.87 28.59
N ILE B 112 -9.18 -12.08 28.92
CA ILE B 112 -8.76 -11.93 30.32
C ILE B 112 -8.95 -10.49 30.77
N HIS B 113 -8.59 -9.54 29.91
CA HIS B 113 -8.76 -8.13 30.26
C HIS B 113 -10.20 -7.78 30.55
N ALA B 114 -11.14 -8.41 29.85
CA ALA B 114 -12.56 -8.20 30.11
C ALA B 114 -13.04 -8.94 31.35
N LYS B 115 -12.13 -9.55 32.11
CA LYS B 115 -12.44 -10.27 33.33
C LYS B 115 -13.41 -11.43 33.07
N ARG B 116 -12.97 -12.32 32.19
CA ARG B 116 -13.63 -13.60 31.97
C ARG B 116 -12.62 -14.53 31.32
N VAL B 117 -12.97 -15.82 31.28
CA VAL B 117 -12.03 -16.83 30.80
C VAL B 117 -12.45 -17.49 29.50
N THR B 118 -13.66 -17.24 29.01
CA THR B 118 -14.10 -17.80 27.75
C THR B 118 -13.92 -16.78 26.64
N ILE B 119 -13.11 -17.12 25.64
CA ILE B 119 -12.91 -16.20 24.53
C ILE B 119 -14.15 -16.21 23.64
N MET B 120 -14.56 -15.03 23.20
CA MET B 120 -15.76 -14.83 22.42
C MET B 120 -15.43 -14.05 21.16
N PRO B 121 -16.26 -14.15 20.11
CA PRO B 121 -15.89 -13.55 18.82
C PRO B 121 -15.61 -12.05 18.90
N LYS B 122 -16.19 -11.33 19.85
CA LYS B 122 -15.84 -9.94 20.03
C LYS B 122 -14.37 -9.74 20.40
N ASP B 123 -13.79 -10.66 21.16
CA ASP B 123 -12.38 -10.58 21.51
C ASP B 123 -11.48 -10.70 20.29
N ILE B 124 -11.78 -11.62 19.38
CA ILE B 124 -11.00 -11.74 18.16
C ILE B 124 -11.09 -10.47 17.34
N GLN B 125 -12.30 -9.90 17.24
CA GLN B 125 -12.46 -8.66 16.50
C GLN B 125 -11.66 -7.54 17.13
N LEU B 126 -11.68 -7.43 18.45
CA LEU B 126 -10.91 -6.39 19.12
C LEU B 126 -9.42 -6.55 18.85
N ALA B 127 -8.93 -7.79 18.94
CA ALA B 127 -7.51 -8.02 18.70
C ALA B 127 -7.12 -7.66 17.27
N ARG B 128 -7.91 -8.09 16.29
CA ARG B 128 -7.59 -7.75 14.90
C ARG B 128 -7.65 -6.26 14.66
N ARG B 129 -8.63 -5.57 15.26
CA ARG B 129 -8.75 -4.14 15.09
C ARG B 129 -7.60 -3.38 15.72
N ILE B 130 -7.16 -3.78 16.91
CA ILE B 130 -6.03 -3.11 17.53
C ILE B 130 -4.75 -3.37 16.74
N ARG B 131 -4.58 -4.59 16.26
CA ARG B 131 -3.40 -4.89 15.46
C ARG B 131 -3.42 -4.21 14.10
N GLY B 132 -4.55 -3.65 13.69
CA GLY B 132 -4.62 -2.93 12.44
C GLY B 132 -4.93 -3.77 11.22
N GLU B 133 -5.45 -4.97 11.41
CA GLU B 133 -5.84 -5.81 10.28
C GLU B 133 -7.21 -5.44 9.72
N ARG B 134 -7.92 -4.51 10.34
CA ARG B 134 -9.30 -4.25 9.96
C ARG B 134 -9.75 -2.87 10.41
N ARG C 19 -10.19 -27.77 -13.86
CA ARG C 19 -11.14 -28.71 -14.43
C ARG C 19 -11.69 -29.65 -13.36
N LYS C 20 -11.02 -29.66 -12.22
CA LYS C 20 -11.40 -30.48 -11.07
C LYS C 20 -12.04 -29.62 -9.99
N VAL C 21 -12.91 -28.71 -10.41
CA VAL C 21 -13.53 -27.70 -9.55
C VAL C 21 -14.01 -28.29 -8.24
N LEU C 22 -13.60 -27.69 -7.13
CA LEU C 22 -13.98 -28.11 -5.80
C LEU C 22 -14.35 -26.89 -4.97
N ARG C 23 -15.16 -27.11 -3.95
CA ARG C 23 -15.60 -26.04 -3.07
C ARG C 23 -15.91 -26.62 -1.70
N ASP C 24 -16.35 -25.76 -0.79
CA ASP C 24 -16.76 -26.16 0.55
C ASP C 24 -15.63 -26.90 1.29
N ASN C 25 -14.40 -26.45 1.06
CA ASN C 25 -13.25 -27.02 1.76
C ASN C 25 -12.99 -26.33 3.09
N ILE C 26 -13.69 -25.24 3.39
CA ILE C 26 -13.44 -24.51 4.61
C ILE C 26 -13.81 -25.32 5.84
N GLN C 27 -14.76 -26.25 5.71
CA GLN C 27 -15.08 -27.13 6.83
C GLN C 27 -14.00 -28.16 7.09
N GLY C 28 -13.01 -28.28 6.20
CA GLY C 28 -11.90 -29.17 6.46
C GLY C 28 -11.12 -28.77 7.69
N ILE C 29 -11.15 -27.49 8.04
CA ILE C 29 -10.55 -27.01 9.29
C ILE C 29 -11.53 -27.36 10.39
N THR C 30 -11.34 -28.52 11.01
CA THR C 30 -12.33 -29.07 11.90
C THR C 30 -12.34 -28.33 13.24
N LYS C 31 -13.48 -28.42 13.91
CA LYS C 31 -13.60 -27.86 15.24
C LYS C 31 -12.52 -28.36 16.20
N PRO C 32 -12.21 -29.65 16.28
CA PRO C 32 -11.07 -30.07 17.10
C PRO C 32 -9.75 -29.48 16.66
N ALA C 33 -9.55 -29.23 15.36
CA ALA C 33 -8.31 -28.60 14.93
C ALA C 33 -8.21 -27.17 15.42
N ILE C 34 -9.31 -26.42 15.32
CA ILE C 34 -9.31 -25.06 15.86
C ILE C 34 -9.08 -25.10 17.36
N ARG C 35 -9.67 -26.08 18.04
CA ARG C 35 -9.47 -26.20 19.47
C ARG C 35 -8.01 -26.47 19.80
N ARG C 36 -7.36 -27.34 19.02
CA ARG C 36 -5.95 -27.60 19.23
C ARG C 36 -5.10 -26.37 19.00
N LEU C 37 -5.41 -25.57 17.98
CA LEU C 37 -4.67 -24.33 17.79
C LEU C 37 -4.84 -23.38 18.98
N ALA C 38 -6.08 -23.22 19.43
CA ALA C 38 -6.33 -22.32 20.56
C ALA C 38 -5.65 -22.81 21.83
N ARG C 39 -5.60 -24.12 22.04
CA ARG C 39 -4.89 -24.66 23.19
C ARG C 39 -3.41 -24.34 23.16
N ARG C 40 -2.77 -24.46 22.00
CA ARG C 40 -1.38 -24.00 21.92
C ARG C 40 -1.30 -22.52 22.16
N GLY C 41 -2.29 -21.76 21.73
CA GLY C 41 -2.30 -20.35 22.03
C GLY C 41 -2.41 -20.00 23.49
N GLY C 42 -2.78 -20.96 24.33
CA GLY C 42 -2.91 -20.72 25.74
C GLY C 42 -4.31 -20.32 26.14
N VAL C 43 -5.30 -20.93 25.50
CA VAL C 43 -6.70 -20.61 25.73
C VAL C 43 -7.35 -21.73 26.51
N LYS C 44 -7.97 -21.38 27.64
CA LYS C 44 -8.55 -22.38 28.51
C LYS C 44 -9.94 -22.79 28.04
N ARG C 45 -10.85 -21.83 27.92
CA ARG C 45 -12.23 -22.09 27.60
C ARG C 45 -12.61 -21.35 26.32
N ILE C 46 -13.39 -22.00 25.47
CA ILE C 46 -13.69 -21.50 24.13
C ILE C 46 -15.19 -21.43 23.95
N SER C 47 -15.67 -20.31 23.42
CA SER C 47 -17.08 -20.17 23.11
C SER C 47 -17.42 -20.90 21.82
N GLY C 48 -18.72 -21.09 21.58
CA GLY C 48 -19.16 -21.82 20.40
C GLY C 48 -19.07 -21.02 19.12
N LEU C 49 -19.03 -19.69 19.22
CA LEU C 49 -19.00 -18.86 18.03
C LEU C 49 -17.59 -18.60 17.52
N ILE C 50 -16.57 -19.12 18.19
CA ILE C 50 -15.20 -18.89 17.75
C ILE C 50 -14.90 -19.59 16.44
N TYR C 51 -15.48 -20.76 16.19
CA TYR C 51 -15.05 -21.59 15.08
C TYR C 51 -15.35 -20.93 13.74
N GLU C 52 -16.55 -20.41 13.57
CA GLU C 52 -16.90 -19.78 12.29
C GLU C 52 -16.05 -18.55 12.02
N GLU C 53 -15.83 -17.72 13.04
CA GLU C 53 -15.04 -16.53 12.82
C GLU C 53 -13.59 -16.88 12.55
N THR C 54 -13.08 -17.94 13.18
CA THR C 54 -11.73 -18.38 12.84
C THR C 54 -11.66 -18.88 11.41
N ARG C 55 -12.68 -19.59 10.95
CA ARG C 55 -12.75 -19.94 9.54
C ARG C 55 -12.60 -18.71 8.67
N GLY C 56 -13.39 -17.67 8.97
CA GLY C 56 -13.32 -16.45 8.20
C GLY C 56 -11.95 -15.78 8.22
N VAL C 57 -11.35 -15.68 9.40
CA VAL C 57 -10.04 -15.04 9.51
C VAL C 57 -8.98 -15.81 8.71
N LEU C 58 -8.97 -17.13 8.85
CA LEU C 58 -7.99 -17.93 8.12
C LEU C 58 -8.21 -17.81 6.61
N LYS C 59 -9.46 -17.80 6.17
CA LYS C 59 -9.71 -17.64 4.74
C LYS C 59 -9.20 -16.30 4.24
N VAL C 60 -9.40 -15.23 5.02
CA VAL C 60 -8.90 -13.93 4.60
C VAL C 60 -7.39 -13.94 4.50
N PHE C 61 -6.72 -14.49 5.51
CA PHE C 61 -5.26 -14.50 5.49
C PHE C 61 -4.72 -15.30 4.32
N LEU C 62 -5.28 -16.47 4.07
CA LEU C 62 -4.83 -17.29 2.94
C LEU C 62 -5.12 -16.62 1.61
N GLU C 63 -6.27 -15.96 1.48
CA GLU C 63 -6.54 -15.22 0.26
C GLU C 63 -5.51 -14.12 0.03
N ASN C 64 -5.14 -13.38 1.07
CA ASN C 64 -4.14 -12.34 0.90
C ASN C 64 -2.76 -12.87 0.58
N VAL C 65 -2.38 -14.04 1.09
CA VAL C 65 -1.05 -14.56 0.79
C VAL C 65 -1.00 -15.20 -0.59
N ILE C 66 -1.98 -16.04 -0.92
CA ILE C 66 -1.95 -16.75 -2.20
C ILE C 66 -2.06 -15.79 -3.36
N ARG C 67 -2.75 -14.65 -3.18
CA ARG C 67 -2.86 -13.69 -4.26
C ARG C 67 -1.49 -13.17 -4.69
N ASP C 68 -0.62 -12.89 -3.71
CA ASP C 68 0.72 -12.43 -4.04
C ASP C 68 1.60 -13.57 -4.53
N ALA C 69 1.42 -14.76 -3.95
CA ALA C 69 2.22 -15.89 -4.42
C ALA C 69 1.95 -16.19 -5.89
N VAL C 70 0.68 -16.20 -6.28
CA VAL C 70 0.32 -16.49 -7.67
C VAL C 70 0.84 -15.40 -8.59
N THR C 71 0.79 -14.15 -8.13
CA THR C 71 1.34 -13.06 -8.93
C THR C 71 2.83 -13.25 -9.15
N TYR C 72 3.56 -13.62 -8.10
CA TYR C 72 4.98 -13.89 -8.26
C TYR C 72 5.22 -15.03 -9.25
N THR C 73 4.42 -16.09 -9.17
CA THR C 73 4.61 -17.20 -10.09
C THR C 73 4.35 -16.79 -11.53
N GLU C 74 3.20 -16.18 -11.78
CA GLU C 74 2.84 -15.86 -13.15
C GLU C 74 3.68 -14.73 -13.72
N HIS C 75 4.37 -13.96 -12.88
CA HIS C 75 5.33 -13.02 -13.43
C HIS C 75 6.50 -13.74 -14.07
N ALA C 76 6.92 -14.86 -13.50
CA ALA C 76 8.00 -15.67 -14.07
C ALA C 76 7.51 -16.60 -15.16
N LYS C 77 6.23 -16.60 -15.45
CA LYS C 77 5.64 -17.39 -16.53
C LYS C 77 5.90 -18.88 -16.35
N ARG C 78 5.35 -19.42 -15.27
CA ARG C 78 5.31 -20.86 -15.08
C ARG C 78 4.05 -21.20 -14.29
N LYS C 79 3.58 -22.42 -14.46
CA LYS C 79 2.31 -22.84 -13.91
C LYS C 79 2.44 -23.47 -12.53
N THR C 80 3.64 -23.51 -11.96
CA THR C 80 3.88 -24.19 -10.69
C THR C 80 4.22 -23.17 -9.63
N VAL C 81 3.48 -23.19 -8.52
CA VAL C 81 3.75 -22.31 -7.39
C VAL C 81 4.85 -22.94 -6.55
N THR C 82 5.98 -22.26 -6.44
CA THR C 82 7.11 -22.81 -5.73
C THR C 82 7.16 -22.30 -4.29
N ALA C 83 8.09 -22.85 -3.52
CA ALA C 83 8.23 -22.43 -2.14
C ALA C 83 8.77 -21.02 -2.04
N MET C 84 9.69 -20.63 -2.92
CA MET C 84 10.26 -19.30 -2.87
C MET C 84 9.21 -18.24 -3.15
N ASP C 85 8.23 -18.53 -4.00
CA ASP C 85 7.14 -17.59 -4.23
C ASP C 85 6.35 -17.34 -2.96
N VAL C 86 6.01 -18.39 -2.23
CA VAL C 86 5.31 -18.22 -0.98
C VAL C 86 6.17 -17.47 0.03
N VAL C 87 7.47 -17.78 0.05
CA VAL C 87 8.36 -17.08 0.98
C VAL C 87 8.37 -15.60 0.69
N TYR C 88 8.46 -15.21 -0.59
CA TYR C 88 8.44 -13.80 -0.94
C TYR C 88 7.10 -13.17 -0.61
N ALA C 89 5.99 -13.88 -0.87
CA ALA C 89 4.69 -13.32 -0.58
C ALA C 89 4.52 -13.06 0.92
N LEU C 90 5.02 -13.97 1.75
CA LEU C 90 4.99 -13.72 3.19
C LEU C 90 5.95 -12.61 3.60
N LYS C 91 7.15 -12.58 3.01
CA LYS C 91 8.13 -11.59 3.41
C LYS C 91 7.65 -10.18 3.10
N ARG C 92 6.97 -10.00 1.98
CA ARG C 92 6.45 -8.70 1.63
C ARG C 92 5.24 -8.30 2.45
N GLN C 93 4.70 -9.20 3.26
CA GLN C 93 3.61 -8.87 4.17
C GLN C 93 4.08 -8.69 5.60
N GLY C 94 5.39 -8.60 5.82
CA GLY C 94 5.90 -8.37 7.15
C GLY C 94 5.86 -9.57 8.07
N ARG C 95 5.85 -10.78 7.53
CA ARG C 95 5.85 -12.00 8.32
C ARG C 95 6.87 -12.98 7.75
N THR C 96 8.11 -12.52 7.62
CA THR C 96 9.23 -13.34 7.18
C THR C 96 9.19 -14.72 7.80
N LEU C 97 9.44 -15.75 6.98
CA LEU C 97 9.39 -17.13 7.41
C LEU C 97 10.70 -17.82 7.05
N TYR C 98 11.29 -18.52 8.01
CA TYR C 98 12.55 -19.21 7.82
C TYR C 98 12.30 -20.70 7.59
N GLY C 99 13.30 -21.35 7.02
CA GLY C 99 13.26 -22.79 6.84
C GLY C 99 12.93 -23.27 5.44
N PHE C 100 12.87 -22.38 4.46
CA PHE C 100 12.52 -22.80 3.11
C PHE C 100 13.42 -22.18 2.06
N GLY C 101 14.57 -21.64 2.44
CA GLY C 101 15.49 -21.04 1.48
C GLY C 101 15.13 -19.61 1.15
N ALA D 10 19.02 20.67 -40.57
CA ALA D 10 17.75 20.25 -40.01
C ALA D 10 17.87 18.85 -39.40
N ARG D 11 17.42 18.71 -38.16
CA ARG D 11 17.43 17.42 -37.48
C ARG D 11 16.00 16.94 -37.20
N ALA D 12 15.24 17.66 -36.37
CA ALA D 12 13.86 17.37 -36.01
C ALA D 12 13.44 18.37 -34.95
N LYS D 13 12.15 18.41 -34.67
CA LYS D 13 11.62 19.13 -33.54
C LYS D 13 11.62 18.22 -32.32
N ALA D 14 11.71 18.82 -31.14
CA ALA D 14 11.79 18.09 -29.89
C ALA D 14 10.38 17.86 -29.35
N CYS D 15 9.95 16.60 -29.35
CA CYS D 15 8.70 16.20 -28.71
C CYS D 15 9.02 15.39 -27.47
N THR D 16 8.44 15.79 -26.35
CA THR D 16 8.70 15.10 -25.09
C THR D 16 8.01 13.75 -25.07
N ARG D 17 8.69 12.78 -24.45
CA ARG D 17 8.09 11.45 -24.31
C ARG D 17 6.79 11.50 -23.55
N SER D 18 6.68 12.41 -22.58
CA SER D 18 5.41 12.59 -21.88
C SER D 18 4.31 13.00 -22.84
N SER D 19 4.60 13.94 -23.75
CA SER D 19 3.64 14.30 -24.76
C SER D 19 3.34 13.15 -25.71
N ARG D 20 4.33 12.30 -25.99
CA ARG D 20 4.07 11.11 -26.79
C ARG D 20 3.06 10.21 -26.10
N ALA D 21 3.21 10.01 -24.80
CA ALA D 21 2.33 9.15 -24.03
C ALA D 21 1.08 9.87 -23.53
N GLY D 22 0.95 11.15 -23.81
CA GLY D 22 -0.21 11.89 -23.33
C GLY D 22 -0.26 11.99 -21.81
N LEU D 23 0.88 12.18 -21.18
CA LEU D 23 0.97 12.25 -19.73
C LEU D 23 1.23 13.69 -19.28
N GLN D 24 1.40 13.86 -17.98
CA GLN D 24 1.77 15.16 -17.42
C GLN D 24 3.07 15.03 -16.66
N PHE D 25 3.31 13.86 -16.08
CA PHE D 25 4.52 13.64 -15.33
C PHE D 25 5.72 13.46 -16.27
N PRO D 26 6.91 13.85 -15.84
CA PRO D 26 8.07 13.88 -16.74
C PRO D 26 8.64 12.50 -16.95
N VAL D 27 8.40 11.93 -18.14
CA VAL D 27 8.93 10.61 -18.44
C VAL D 27 10.45 10.62 -18.42
N GLY D 28 11.05 11.66 -18.99
CA GLY D 28 12.51 11.75 -18.99
C GLY D 28 13.08 11.84 -17.58
N ARG D 29 12.46 12.64 -16.73
CA ARG D 29 12.93 12.74 -15.35
C ARG D 29 12.78 11.42 -14.62
N VAL D 30 11.66 10.71 -14.84
CA VAL D 30 11.48 9.41 -14.22
C VAL D 30 12.55 8.44 -14.69
N HIS D 31 12.85 8.46 -15.98
CA HIS D 31 13.90 7.60 -16.51
C HIS D 31 15.24 7.91 -15.88
N ARG D 32 15.57 9.19 -15.75
CA ARG D 32 16.83 9.56 -15.11
C ARG D 32 16.89 9.09 -13.67
N LEU D 33 15.81 9.28 -12.92
CA LEU D 33 15.79 8.81 -11.54
C LEU D 33 15.94 7.30 -11.46
N LEU D 34 15.26 6.57 -12.34
CA LEU D 34 15.38 5.12 -12.33
C LEU D 34 16.81 4.68 -12.60
N ARG D 35 17.42 5.23 -13.65
CA ARG D 35 18.75 4.77 -14.01
C ARG D 35 19.85 5.39 -13.15
N LYS D 36 19.52 6.33 -12.28
CA LYS D 36 20.48 6.85 -11.32
C LYS D 36 20.21 6.39 -9.90
N GLY D 37 19.15 5.61 -9.69
CA GLY D 37 18.79 5.13 -8.37
C GLY D 37 19.34 3.77 -8.00
N ASN D 38 20.20 3.18 -8.84
CA ASN D 38 20.77 1.86 -8.57
C ASN D 38 19.67 0.83 -8.30
N TYR D 39 18.73 0.73 -9.22
CA TYR D 39 17.66 -0.26 -9.13
C TYR D 39 17.93 -1.49 -9.98
N SER D 40 18.60 -1.33 -11.11
CA SER D 40 19.03 -2.46 -11.93
C SER D 40 20.15 -2.00 -12.85
N GLU D 41 20.82 -2.95 -13.48
CA GLU D 41 21.93 -2.61 -14.35
C GLU D 41 21.45 -1.80 -15.56
N ARG D 42 20.34 -2.20 -16.17
CA ARG D 42 19.80 -1.47 -17.31
C ARG D 42 18.29 -1.33 -17.12
N VAL D 43 17.73 -0.32 -17.78
CA VAL D 43 16.33 0.05 -17.62
C VAL D 43 15.63 -0.04 -18.98
N GLY D 44 14.48 -0.70 -19.00
CA GLY D 44 13.74 -0.83 -20.23
C GLY D 44 13.16 0.50 -20.68
N ALA D 45 12.73 0.51 -21.95
CA ALA D 45 12.19 1.74 -22.53
C ALA D 45 10.81 2.07 -22.00
N GLY D 46 9.93 1.07 -21.90
CA GLY D 46 8.58 1.33 -21.46
C GLY D 46 8.41 1.47 -19.97
N ALA D 47 9.43 1.15 -19.19
CA ALA D 47 9.29 1.23 -17.74
C ALA D 47 9.01 2.65 -17.25
N PRO D 48 9.77 3.68 -17.64
CA PRO D 48 9.41 5.03 -17.21
C PRO D 48 8.06 5.48 -17.70
N VAL D 49 7.66 5.08 -18.91
CA VAL D 49 6.34 5.45 -19.40
C VAL D 49 5.26 4.86 -18.51
N TYR D 50 5.41 3.59 -18.15
CA TYR D 50 4.42 2.96 -17.28
C TYR D 50 4.39 3.61 -15.91
N LEU D 51 5.57 3.85 -15.34
CA LEU D 51 5.64 4.39 -13.98
C LEU D 51 5.07 5.79 -13.90
N ALA D 52 5.37 6.64 -14.88
CA ALA D 52 4.83 7.99 -14.88
C ALA D 52 3.32 7.98 -14.97
N ALA D 53 2.76 7.11 -15.81
CA ALA D 53 1.32 7.01 -15.90
C ALA D 53 0.71 6.57 -14.57
N VAL D 54 1.32 5.59 -13.91
CA VAL D 54 0.79 5.13 -12.64
C VAL D 54 0.82 6.26 -11.61
N LEU D 55 1.94 6.98 -11.53
CA LEU D 55 2.02 8.09 -10.58
C LEU D 55 1.01 9.17 -10.89
N GLU D 56 0.82 9.50 -12.16
CA GLU D 56 -0.16 10.52 -12.51
C GLU D 56 -1.56 10.08 -12.11
N TYR D 57 -1.89 8.81 -12.35
CA TYR D 57 -3.20 8.33 -11.95
C TYR D 57 -3.40 8.41 -10.45
N LEU D 58 -2.39 8.02 -9.67
CA LEU D 58 -2.54 8.09 -8.22
C LEU D 58 -2.70 9.53 -7.74
N THR D 59 -1.90 10.45 -8.26
CA THR D 59 -2.03 11.84 -7.85
C THR D 59 -3.38 12.41 -8.23
N ALA D 60 -3.87 12.11 -9.44
CA ALA D 60 -5.19 12.56 -9.84
C ALA D 60 -6.27 11.99 -8.95
N GLU D 61 -6.16 10.71 -8.59
CA GLU D 61 -7.16 10.09 -7.73
C GLU D 61 -7.20 10.76 -6.37
N ILE D 62 -6.04 11.07 -5.81
CA ILE D 62 -6.03 11.79 -4.53
C ILE D 62 -6.63 13.17 -4.68
N LEU D 63 -6.23 13.89 -5.73
CA LEU D 63 -6.64 15.27 -5.88
C LEU D 63 -8.12 15.43 -6.12
N GLU D 64 -8.76 14.50 -6.83
CA GLU D 64 -10.19 14.62 -7.03
C GLU D 64 -10.93 14.61 -5.70
N LEU D 65 -10.62 13.63 -4.85
CA LEU D 65 -11.27 13.55 -3.56
C LEU D 65 -10.92 14.75 -2.69
N ALA D 66 -9.67 15.20 -2.74
CA ALA D 66 -9.28 16.36 -1.95
C ALA D 66 -10.04 17.60 -2.36
N GLY D 67 -10.20 17.82 -3.67
CA GLY D 67 -10.98 18.96 -4.13
C GLY D 67 -12.44 18.85 -3.75
N ASN D 68 -13.01 17.64 -3.82
CA ASN D 68 -14.38 17.48 -3.40
C ASN D 68 -14.55 17.81 -1.93
N ALA D 69 -13.61 17.36 -1.09
CA ALA D 69 -13.66 17.70 0.32
C ALA D 69 -13.52 19.20 0.54
N ALA D 70 -12.63 19.85 -0.21
CA ALA D 70 -12.45 21.28 -0.05
C ALA D 70 -13.71 22.04 -0.42
N ARG D 71 -14.35 21.65 -1.52
CA ARG D 71 -15.59 22.33 -1.91
C ARG D 71 -16.74 22.00 -0.99
N ASP D 72 -16.72 20.85 -0.32
CA ASP D 72 -17.71 20.57 0.70
C ASP D 72 -17.49 21.45 1.93
N ASN D 73 -16.27 21.94 2.11
CA ASN D 73 -15.94 22.88 3.17
C ASN D 73 -16.01 24.32 2.70
N LYS D 74 -16.45 24.55 1.46
CA LYS D 74 -16.65 25.89 0.91
C LYS D 74 -15.35 26.69 0.90
N LYS D 75 -14.27 26.05 0.45
CA LYS D 75 -12.99 26.71 0.29
C LYS D 75 -12.39 26.31 -1.05
N THR D 76 -11.53 27.18 -1.59
CA THR D 76 -11.00 27.00 -2.92
C THR D 76 -9.55 26.57 -2.96
N ARG D 77 -8.87 26.48 -1.81
CA ARG D 77 -7.51 26.02 -1.74
C ARG D 77 -7.45 24.73 -0.94
N ILE D 78 -6.69 23.76 -1.43
CA ILE D 78 -6.55 22.49 -0.75
C ILE D 78 -5.50 22.64 0.35
N ILE D 79 -5.88 22.27 1.56
CA ILE D 79 -4.98 22.30 2.71
C ILE D 79 -4.78 20.87 3.18
N PRO D 80 -3.73 20.56 3.94
CA PRO D 80 -3.51 19.17 4.35
C PRO D 80 -4.67 18.55 5.11
N ARG D 81 -5.50 19.35 5.78
CA ARG D 81 -6.69 18.80 6.40
C ARG D 81 -7.58 18.13 5.35
N HIS D 82 -7.73 18.77 4.19
CA HIS D 82 -8.53 18.18 3.13
C HIS D 82 -7.90 16.91 2.60
N LEU D 83 -6.57 16.88 2.45
CA LEU D 83 -5.92 15.65 2.01
C LEU D 83 -6.17 14.52 2.99
N GLN D 84 -6.06 14.80 4.29
CA GLN D 84 -6.31 13.76 5.29
C GLN D 84 -7.75 13.29 5.23
N LEU D 85 -8.70 14.22 5.10
CA LEU D 85 -10.10 13.82 4.98
C LEU D 85 -10.36 12.99 3.75
N ALA D 86 -9.70 13.30 2.64
CA ALA D 86 -9.87 12.52 1.43
C ALA D 86 -9.26 11.12 1.56
N ILE D 87 -8.07 11.04 2.14
CA ILE D 87 -7.39 9.76 2.25
C ILE D 87 -8.11 8.83 3.21
N ARG D 88 -8.47 9.32 4.38
CA ARG D 88 -9.01 8.43 5.41
C ARG D 88 -10.46 8.06 5.16
N ASN D 89 -11.14 8.70 4.20
CA ASN D 89 -12.50 8.30 3.89
C ASN D 89 -12.52 7.18 2.86
N ASP D 90 -11.72 7.28 1.80
CA ASP D 90 -11.68 6.24 0.80
C ASP D 90 -10.99 5.00 1.36
N GLU D 91 -11.65 3.86 1.25
CA GLU D 91 -11.11 2.63 1.82
C GLU D 91 -9.82 2.22 1.13
N GLU D 92 -9.78 2.30 -0.20
CA GLU D 92 -8.61 1.86 -0.94
C GLU D 92 -7.39 2.70 -0.58
N LEU D 93 -7.53 4.02 -0.65
CA LEU D 93 -6.41 4.89 -0.32
C LEU D 93 -6.04 4.77 1.15
N ASN D 94 -7.02 4.58 2.02
CA ASN D 94 -6.72 4.41 3.43
C ASN D 94 -5.85 3.18 3.66
N LYS D 95 -6.19 2.07 2.99
CA LYS D 95 -5.39 0.87 3.11
C LYS D 95 -4.02 1.04 2.46
N LEU D 96 -3.94 1.83 1.39
CA LEU D 96 -2.64 2.07 0.76
C LEU D 96 -1.74 2.91 1.65
N LEU D 97 -2.31 3.87 2.36
CA LEU D 97 -1.57 4.81 3.19
C LEU D 97 -1.92 4.64 4.65
N GLY D 98 -2.01 3.39 5.11
CA GLY D 98 -2.39 3.16 6.49
C GLY D 98 -1.29 3.51 7.48
N ARG D 99 -0.05 3.49 7.05
CA ARG D 99 1.09 3.74 7.93
C ARG D 99 1.76 5.07 7.62
N VAL D 100 0.96 6.08 7.29
CA VAL D 100 1.45 7.39 6.89
C VAL D 100 0.79 8.44 7.75
N THR D 101 1.58 9.36 8.27
CA THR D 101 1.09 10.48 9.06
C THR D 101 1.18 11.75 8.22
N ILE D 102 0.08 12.49 8.16
CA ILE D 102 0.03 13.74 7.41
C ILE D 102 0.13 14.89 8.40
N ALA D 103 1.14 15.73 8.23
CA ALA D 103 1.29 16.89 9.10
C ALA D 103 0.12 17.82 8.93
N GLN D 104 -0.34 18.41 10.04
CA GLN D 104 -1.49 19.30 10.04
C GLN D 104 -2.71 18.62 9.43
N GLY D 105 -2.87 17.34 9.70
CA GLY D 105 -3.93 16.58 9.09
C GLY D 105 -5.13 16.34 9.98
N GLY D 106 -4.91 16.29 11.28
CA GLY D 106 -6.01 15.99 12.18
C GLY D 106 -6.42 14.53 12.07
N VAL D 107 -7.63 14.24 12.55
CA VAL D 107 -8.19 12.90 12.52
C VAL D 107 -9.62 12.98 12.01
N LEU D 108 -10.16 11.84 11.63
CA LEU D 108 -11.54 11.77 11.19
C LEU D 108 -12.49 11.82 12.39
N PRO D 109 -13.44 12.75 12.39
CA PRO D 109 -14.33 12.88 13.56
C PRO D 109 -15.25 11.68 13.68
N ASN D 110 -15.05 10.90 14.73
CA ASN D 110 -15.95 9.80 15.05
C ASN D 110 -15.97 9.59 16.55
N ILE D 111 -17.16 9.31 17.08
CA ILE D 111 -17.36 9.07 18.50
C ILE D 111 -18.07 7.73 18.66
N GLN D 112 -17.56 6.89 19.56
CA GLN D 112 -18.20 5.61 19.82
C GLN D 112 -19.60 5.83 20.35
N ALA D 113 -20.55 5.02 19.87
CA ALA D 113 -21.95 5.21 20.23
C ALA D 113 -22.21 4.99 21.70
N VAL D 114 -21.35 4.26 22.39
CA VAL D 114 -21.55 4.01 23.81
C VAL D 114 -21.41 5.31 24.60
N LEU D 115 -20.49 6.17 24.20
CA LEU D 115 -20.21 7.38 24.97
C LEU D 115 -21.26 8.46 24.80
N LEU D 116 -22.07 8.39 23.75
CA LEU D 116 -23.10 9.39 23.56
C LEU D 116 -24.14 9.30 24.68
N PRO D 117 -24.71 10.43 25.09
CA PRO D 117 -25.70 10.38 26.17
C PRO D 117 -26.97 9.69 25.71
N LYS D 118 -27.62 9.02 26.65
CA LYS D 118 -28.84 8.29 26.34
C LYS D 118 -29.60 8.01 27.61
N ARG E 31 23.62 28.00 -5.07
CA ARG E 31 22.73 28.09 -6.23
C ARG E 31 22.43 26.72 -6.80
N SER E 32 22.34 25.72 -5.91
CA SER E 32 22.01 24.37 -6.33
C SER E 32 20.54 24.28 -6.67
N ARG E 33 20.23 23.94 -7.91
CA ARG E 33 18.85 23.85 -8.37
C ARG E 33 18.27 22.50 -7.96
N LYS E 34 17.21 22.52 -7.17
CA LYS E 34 16.54 21.32 -6.71
C LYS E 34 15.27 21.09 -7.53
N GLU E 35 14.86 19.83 -7.60
CA GLU E 35 13.75 19.41 -8.43
C GLU E 35 12.62 18.85 -7.57
N SER E 36 11.39 19.03 -8.05
CA SER E 36 10.23 18.51 -7.37
C SER E 36 9.17 18.22 -8.43
N TYR E 37 7.96 17.87 -7.98
CA TYR E 37 6.87 17.56 -8.88
C TYR E 37 5.75 18.59 -8.80
N SER E 38 6.04 19.79 -8.29
CA SER E 38 5.01 20.77 -8.08
C SER E 38 4.32 21.17 -9.38
N VAL E 39 5.08 21.34 -10.45
CA VAL E 39 4.50 21.77 -11.72
C VAL E 39 3.50 20.74 -12.22
N TYR E 40 3.90 19.46 -12.22
CA TYR E 40 3.03 18.41 -12.71
C TYR E 40 1.83 18.20 -11.80
N VAL E 41 2.02 18.29 -10.49
CA VAL E 41 0.89 18.18 -9.58
C VAL E 41 -0.11 19.29 -9.87
N TYR E 42 0.38 20.51 -10.09
CA TYR E 42 -0.51 21.61 -10.39
C TYR E 42 -1.24 21.39 -11.70
N LYS E 43 -0.55 20.86 -12.72
CA LYS E 43 -1.22 20.58 -13.98
C LYS E 43 -2.32 19.55 -13.82
N VAL E 44 -2.06 18.48 -13.07
CA VAL E 44 -3.10 17.47 -12.85
C VAL E 44 -4.25 18.06 -12.06
N LEU E 45 -3.96 18.92 -11.09
CA LEU E 45 -5.02 19.56 -10.33
C LEU E 45 -5.89 20.41 -11.23
N LYS E 46 -5.28 21.15 -12.15
CA LYS E 46 -6.06 21.93 -13.10
C LYS E 46 -6.84 21.07 -14.06
N GLN E 47 -6.34 19.88 -14.41
CA GLN E 47 -7.11 18.94 -15.21
C GLN E 47 -8.34 18.41 -14.49
N VAL E 48 -8.22 18.11 -13.20
CA VAL E 48 -9.31 17.52 -12.42
C VAL E 48 -10.31 18.59 -11.97
N HIS E 49 -9.85 19.54 -11.18
CA HIS E 49 -10.66 20.69 -10.74
C HIS E 49 -10.08 21.93 -11.42
N PRO E 50 -10.76 22.47 -12.44
CA PRO E 50 -10.21 23.63 -13.14
C PRO E 50 -10.05 24.86 -12.28
N ASP E 51 -10.79 24.98 -11.18
CA ASP E 51 -10.79 26.21 -10.40
C ASP E 51 -10.57 25.95 -8.91
N THR E 52 -9.54 25.19 -8.56
CA THR E 52 -9.20 24.95 -7.18
C THR E 52 -7.71 25.13 -6.98
N GLY E 53 -7.32 25.88 -5.95
CA GLY E 53 -5.92 26.06 -5.62
C GLY E 53 -5.45 25.04 -4.61
N ILE E 54 -4.14 25.10 -4.34
CA ILE E 54 -3.52 24.20 -3.38
C ILE E 54 -2.50 24.98 -2.57
N SER E 55 -2.53 24.78 -1.26
CA SER E 55 -1.62 25.49 -0.38
C SER E 55 -0.19 25.02 -0.60
N SER E 56 0.76 25.87 -0.21
CA SER E 56 2.16 25.50 -0.36
C SER E 56 2.50 24.28 0.47
N LYS E 57 1.97 24.21 1.70
CA LYS E 57 2.27 23.05 2.54
C LYS E 57 1.65 21.78 1.99
N ALA E 58 0.47 21.87 1.39
CA ALA E 58 -0.11 20.69 0.77
C ALA E 58 0.73 20.22 -0.42
N MET E 59 1.33 21.15 -1.15
CA MET E 59 2.17 20.75 -2.27
C MET E 59 3.36 19.93 -1.81
N GLY E 60 3.97 20.30 -0.69
CA GLY E 60 5.04 19.50 -0.14
C GLY E 60 4.59 18.11 0.25
N ILE E 61 3.38 18.00 0.78
CA ILE E 61 2.83 16.69 1.10
C ILE E 61 2.66 15.85 -0.15
N MET E 62 2.16 16.47 -1.22
CA MET E 62 2.04 15.74 -2.48
C MET E 62 3.40 15.31 -3.02
N ASN E 63 4.42 16.15 -2.87
CA ASN E 63 5.76 15.76 -3.30
C ASN E 63 6.25 14.56 -2.51
N SER E 64 6.05 14.57 -1.20
CA SER E 64 6.47 13.43 -0.39
C SER E 64 5.71 12.18 -0.79
N PHE E 65 4.42 12.30 -1.07
CA PHE E 65 3.63 11.15 -1.51
C PHE E 65 4.17 10.59 -2.81
N VAL E 66 4.46 11.47 -3.77
CA VAL E 66 4.96 11.02 -5.07
C VAL E 66 6.29 10.30 -4.89
N ASN E 67 7.20 10.89 -4.11
CA ASN E 67 8.49 10.24 -3.90
C ASN E 67 8.32 8.89 -3.22
N ASP E 68 7.44 8.80 -2.23
CA ASP E 68 7.24 7.55 -1.51
C ASP E 68 6.73 6.46 -2.43
N ILE E 69 5.72 6.78 -3.24
CA ILE E 69 5.17 5.76 -4.15
C ILE E 69 6.21 5.37 -5.19
N PHE E 70 6.97 6.34 -5.70
CA PHE E 70 8.01 6.03 -6.67
C PHE E 70 9.01 5.04 -6.07
N GLU E 71 9.48 5.31 -4.85
CA GLU E 71 10.43 4.41 -4.23
C GLU E 71 9.83 3.04 -3.97
N ARG E 72 8.59 2.96 -3.51
CA ARG E 72 7.97 1.66 -3.32
C ARG E 72 7.97 0.85 -4.61
N ILE E 73 7.46 1.44 -5.69
CA ILE E 73 7.32 0.69 -6.93
C ILE E 73 8.67 0.31 -7.49
N ALA E 74 9.62 1.25 -7.50
CA ALA E 74 10.93 0.94 -8.05
C ALA E 74 11.63 -0.13 -7.24
N GLY E 75 11.55 -0.08 -5.91
CA GLY E 75 12.13 -1.12 -5.10
C GLY E 75 11.50 -2.47 -5.36
N GLU E 76 10.18 -2.51 -5.51
CA GLU E 76 9.54 -3.79 -5.79
C GLU E 76 9.97 -4.35 -7.14
N ALA E 77 10.05 -3.49 -8.15
CA ALA E 77 10.50 -3.95 -9.46
C ALA E 77 11.93 -4.45 -9.43
N SER E 78 12.80 -3.77 -8.68
CA SER E 78 14.17 -4.24 -8.57
C SER E 78 14.24 -5.62 -7.94
N ARG E 79 13.45 -5.86 -6.90
CA ARG E 79 13.43 -7.18 -6.28
C ARG E 79 12.89 -8.24 -7.24
N LEU E 80 11.85 -7.91 -8.01
CA LEU E 80 11.36 -8.88 -8.98
C LEU E 80 12.44 -9.24 -9.99
N ALA E 81 13.12 -8.22 -10.53
CA ALA E 81 14.16 -8.48 -11.51
C ALA E 81 15.29 -9.30 -10.92
N HIS E 82 15.67 -9.03 -9.68
CA HIS E 82 16.72 -9.84 -9.06
C HIS E 82 16.26 -11.26 -8.79
N TYR E 83 15.00 -11.45 -8.38
CA TYR E 83 14.50 -12.79 -8.13
C TYR E 83 14.50 -13.61 -9.40
N ASN E 84 14.11 -13.03 -10.53
CA ASN E 84 14.03 -13.77 -11.78
C ASN E 84 15.34 -13.73 -12.56
N LYS E 85 16.45 -13.42 -11.90
CA LYS E 85 17.78 -13.46 -12.51
C LYS E 85 17.86 -12.59 -13.75
N ARG E 86 17.06 -11.54 -13.83
CA ARG E 86 17.15 -10.60 -14.93
C ARG E 86 18.14 -9.49 -14.59
N SER E 87 18.32 -8.58 -15.55
CA SER E 87 19.16 -7.41 -15.35
C SER E 87 18.50 -6.16 -15.91
N THR E 88 17.25 -6.24 -16.36
CA THR E 88 16.55 -5.12 -16.95
C THR E 88 15.21 -4.95 -16.25
N ILE E 89 14.84 -3.70 -15.97
CA ILE E 89 13.51 -3.39 -15.47
C ILE E 89 12.67 -2.90 -16.64
N THR E 90 11.66 -3.67 -17.00
CA THR E 90 10.78 -3.32 -18.10
C THR E 90 9.38 -3.05 -17.55
N SER E 91 8.46 -2.71 -18.44
CA SER E 91 7.08 -2.53 -18.03
C SER E 91 6.48 -3.81 -17.48
N ARG E 92 7.01 -4.96 -17.89
CA ARG E 92 6.53 -6.23 -17.35
C ARG E 92 6.74 -6.30 -15.84
N GLU E 93 7.90 -5.86 -15.37
CA GLU E 93 8.16 -5.85 -13.93
C GLU E 93 7.27 -4.83 -13.21
N ILE E 94 7.09 -3.66 -13.79
CA ILE E 94 6.29 -2.63 -13.14
C ILE E 94 4.82 -3.03 -13.05
N GLN E 95 4.29 -3.73 -14.04
CA GLN E 95 2.93 -4.24 -13.91
C GLN E 95 2.79 -5.11 -12.67
N THR E 96 3.72 -6.05 -12.49
CA THR E 96 3.66 -6.93 -11.33
C THR E 96 3.83 -6.15 -10.05
N ALA E 97 4.74 -5.17 -10.04
CA ALA E 97 4.94 -4.37 -8.83
C ALA E 97 3.68 -3.60 -8.45
N VAL E 98 3.01 -3.02 -9.44
CA VAL E 98 1.75 -2.31 -9.16
C VAL E 98 0.71 -3.29 -8.65
N ARG E 99 0.61 -4.47 -9.27
CA ARG E 99 -0.34 -5.47 -8.80
C ARG E 99 -0.08 -5.86 -7.37
N LEU E 100 1.17 -5.97 -6.96
CA LEU E 100 1.48 -6.31 -5.58
C LEU E 100 1.16 -5.16 -4.63
N LEU E 101 1.54 -3.95 -5.01
CA LEU E 101 1.45 -2.83 -4.06
C LEU E 101 0.03 -2.30 -3.93
N LEU E 102 -0.60 -1.96 -5.03
CA LEU E 102 -1.90 -1.31 -4.89
C LEU E 102 -2.98 -2.34 -4.63
N PRO E 103 -3.97 -2.01 -3.80
CA PRO E 103 -5.03 -2.97 -3.48
C PRO E 103 -6.21 -2.94 -4.42
N GLY E 104 -6.55 -4.12 -4.94
CA GLY E 104 -7.84 -4.32 -5.60
C GLY E 104 -8.09 -3.39 -6.77
N GLU E 105 -9.26 -2.75 -6.74
CA GLU E 105 -9.72 -1.98 -7.88
C GLU E 105 -8.77 -0.84 -8.21
N LEU E 106 -8.11 -0.28 -7.20
CA LEU E 106 -7.10 0.72 -7.47
C LEU E 106 -5.98 0.17 -8.32
N ALA E 107 -5.51 -1.04 -8.01
CA ALA E 107 -4.50 -1.69 -8.83
C ALA E 107 -5.01 -1.98 -10.23
N LYS E 108 -6.25 -2.43 -10.35
CA LYS E 108 -6.82 -2.68 -11.67
C LYS E 108 -6.80 -1.42 -12.53
N HIS E 109 -7.28 -0.31 -11.98
CA HIS E 109 -7.30 0.92 -12.73
C HIS E 109 -5.90 1.42 -13.04
N ALA E 110 -4.97 1.26 -12.10
CA ALA E 110 -3.60 1.70 -12.34
C ALA E 110 -2.97 0.92 -13.48
N VAL E 111 -3.18 -0.40 -13.52
CA VAL E 111 -2.64 -1.19 -14.61
C VAL E 111 -3.29 -0.80 -15.93
N SER E 112 -4.60 -0.56 -15.91
CA SER E 112 -5.29 -0.12 -17.12
C SER E 112 -4.68 1.18 -17.63
N GLU E 113 -4.41 2.11 -16.73
CA GLU E 113 -3.83 3.39 -17.12
C GLU E 113 -2.42 3.21 -17.67
N GLY E 114 -1.60 2.39 -17.03
CA GLY E 114 -0.23 2.21 -17.45
C GLY E 114 -0.08 1.54 -18.81
N THR E 115 -0.83 0.46 -19.02
CA THR E 115 -0.77 -0.22 -20.30
C THR E 115 -1.23 0.67 -21.45
N LYS E 116 -2.28 1.46 -21.22
CA LYS E 116 -2.74 2.37 -22.26
C LYS E 116 -1.68 3.39 -22.62
N ALA E 117 -1.00 3.95 -21.64
CA ALA E 117 0.06 4.91 -21.92
C ALA E 117 1.22 4.27 -22.66
N VAL E 118 1.60 3.05 -22.28
CA VAL E 118 2.68 2.38 -23.00
C VAL E 118 2.27 2.10 -24.43
N THR E 119 1.02 1.69 -24.64
CA THR E 119 0.53 1.43 -26.00
C THR E 119 0.59 2.69 -26.85
N LYS E 120 0.11 3.80 -26.31
CA LYS E 120 0.16 5.05 -27.05
C LYS E 120 1.59 5.47 -27.34
N TYR E 121 2.50 5.28 -26.37
CA TYR E 121 3.88 5.66 -26.58
C TYR E 121 4.52 4.84 -27.69
N THR E 122 4.25 3.54 -27.72
CA THR E 122 4.82 2.71 -28.78
C THR E 122 4.14 2.94 -30.13
N SER E 123 2.88 3.38 -30.14
CA SER E 123 2.20 3.65 -31.39
C SER E 123 2.81 4.82 -32.14
N ALA E 124 3.61 5.65 -31.47
CA ALA E 124 4.23 6.80 -32.11
C ALA E 124 5.75 6.64 -32.12
N PRO F 38 -27.41 29.08 40.02
CA PRO F 38 -26.71 29.37 38.76
C PRO F 38 -26.88 28.26 37.73
N HIS F 39 -25.90 28.11 36.86
CA HIS F 39 -25.93 27.12 35.79
C HIS F 39 -24.82 26.11 36.00
N ARG F 40 -25.09 24.87 35.58
CA ARG F 40 -24.14 23.78 35.80
C ARG F 40 -24.41 22.68 34.79
N TYR F 41 -23.47 22.48 33.87
CA TYR F 41 -23.57 21.35 32.96
C TYR F 41 -23.30 20.04 33.69
N ARG F 42 -24.19 19.08 33.49
CA ARG F 42 -23.98 17.78 34.12
C ARG F 42 -22.76 17.10 33.49
N PRO F 43 -22.03 16.29 34.27
CA PRO F 43 -20.74 15.78 33.79
C PRO F 43 -20.90 14.95 32.51
N GLY F 44 -19.95 15.12 31.60
CA GLY F 44 -19.91 14.40 30.34
C GLY F 44 -20.17 15.29 29.13
N THR F 45 -21.06 16.27 29.26
CA THR F 45 -21.41 17.09 28.11
C THR F 45 -20.26 17.97 27.66
N VAL F 46 -19.56 18.60 28.60
CA VAL F 46 -18.41 19.41 28.24
C VAL F 46 -17.34 18.54 27.61
N ALA F 47 -17.16 17.30 28.10
CA ALA F 47 -16.22 16.39 27.48
C ALA F 47 -16.61 16.07 26.04
N LEU F 48 -17.90 15.84 25.79
CA LEU F 48 -18.33 15.55 24.42
C LEU F 48 -18.10 16.75 23.51
N ARG F 49 -18.42 17.96 23.99
CA ARG F 49 -18.18 19.11 23.14
C ARG F 49 -16.68 19.34 22.91
N GLU F 50 -15.84 19.03 23.89
CA GLU F 50 -14.40 19.06 23.66
C GLU F 50 -13.96 18.03 22.63
N ILE F 51 -14.55 16.84 22.68
CA ILE F 51 -14.23 15.83 21.67
C ILE F 51 -14.58 16.34 20.28
N ARG F 52 -15.79 16.89 20.13
CA ARG F 52 -16.18 17.44 18.84
C ARG F 52 -15.28 18.58 18.41
N ARG F 53 -14.86 19.43 19.33
CA ARG F 53 -14.01 20.57 18.98
C ARG F 53 -12.63 20.09 18.53
N TYR F 54 -11.99 19.23 19.32
CA TYR F 54 -10.62 18.84 19.03
C TYR F 54 -10.54 17.83 17.89
N GLN F 55 -11.63 17.15 17.56
CA GLN F 55 -11.59 16.30 16.38
C GLN F 55 -11.85 17.07 15.10
N LYS F 56 -12.22 18.34 15.20
CA LYS F 56 -12.45 19.18 14.03
C LYS F 56 -11.26 20.07 13.70
N SER F 57 -10.44 20.38 14.68
CA SER F 57 -9.27 21.24 14.48
C SER F 57 -8.02 20.40 14.25
N THR F 58 -6.96 21.07 13.81
CA THR F 58 -5.70 20.40 13.47
C THR F 58 -4.50 21.02 14.16
N GLU F 59 -4.71 21.86 15.16
CA GLU F 59 -3.61 22.53 15.83
C GLU F 59 -2.80 21.54 16.66
N LEU F 60 -1.56 21.93 16.95
CA LEU F 60 -0.71 21.14 17.83
C LEU F 60 -1.15 21.34 19.27
N LEU F 61 -1.36 20.24 19.99
CA LEU F 61 -2.00 20.29 21.29
C LEU F 61 -1.02 20.38 22.44
N ILE F 62 0.28 20.33 22.18
CA ILE F 62 1.29 20.39 23.22
C ILE F 62 2.07 21.67 23.08
N ARG F 63 2.37 22.31 24.21
CA ARG F 63 3.04 23.60 24.18
C ARG F 63 4.46 23.46 23.62
N LYS F 64 4.77 24.34 22.66
CA LYS F 64 5.98 24.21 21.86
C LYS F 64 7.23 24.29 22.72
N LEU F 65 7.29 25.27 23.61
CA LEU F 65 8.52 25.46 24.38
C LEU F 65 8.82 24.31 25.32
N PRO F 66 7.89 23.83 26.16
CA PRO F 66 8.19 22.63 26.95
C PRO F 66 8.45 21.41 26.11
N PHE F 67 7.80 21.26 24.96
CA PHE F 67 8.14 20.11 24.13
C PHE F 67 9.57 20.20 23.62
N GLN F 68 10.00 21.39 23.22
CA GLN F 68 11.38 21.57 22.79
C GLN F 68 12.34 21.27 23.92
N ARG F 69 12.03 21.74 25.12
CA ARG F 69 12.90 21.45 26.25
C ARG F 69 12.99 19.95 26.50
N LEU F 70 11.88 19.24 26.40
CA LEU F 70 11.91 17.80 26.58
C LEU F 70 12.76 17.12 25.51
N VAL F 71 12.61 17.57 24.26
CA VAL F 71 13.39 16.97 23.18
C VAL F 71 14.87 17.18 23.42
N ARG F 72 15.25 18.41 23.76
CA ARG F 72 16.66 18.69 24.01
C ARG F 72 17.19 17.94 25.21
N GLU F 73 16.40 17.77 26.26
CA GLU F 73 16.80 16.95 27.39
C GLU F 73 17.00 15.50 27.01
N ILE F 74 16.10 14.92 26.22
CA ILE F 74 16.26 13.52 25.82
C ILE F 74 17.50 13.35 24.95
N ALA F 75 17.69 14.25 23.99
CA ALA F 75 18.81 14.08 23.07
C ALA F 75 20.15 14.37 23.71
N GLN F 76 20.17 15.00 24.87
CA GLN F 76 21.43 15.45 25.45
C GLN F 76 22.31 14.32 25.96
N ASP F 77 21.78 13.10 26.06
CA ASP F 77 22.60 11.98 26.50
C ASP F 77 23.25 11.22 25.36
N PHE F 78 22.58 11.09 24.21
CA PHE F 78 23.19 10.44 23.06
C PHE F 78 24.39 11.22 22.57
N LYS F 79 24.24 12.52 22.40
CA LYS F 79 25.35 13.41 22.10
C LYS F 79 25.14 14.72 22.83
N THR F 80 26.24 15.32 23.25
CA THR F 80 26.17 16.58 23.95
C THR F 80 26.20 17.75 22.96
N ASP F 81 25.76 18.91 23.44
CA ASP F 81 25.69 20.16 22.67
C ASP F 81 25.20 19.95 21.24
N LEU F 82 24.11 19.20 21.08
CA LEU F 82 23.51 19.06 19.76
C LEU F 82 22.68 20.29 19.42
N ARG F 83 22.42 20.46 18.14
CA ARG F 83 21.62 21.57 17.65
C ARG F 83 20.46 21.00 16.82
N PHE F 84 19.38 21.77 16.76
CA PHE F 84 18.16 21.31 16.12
C PHE F 84 17.63 22.36 15.17
N GLN F 85 17.08 21.91 14.05
CA GLN F 85 16.29 22.79 13.22
C GLN F 85 14.87 22.87 13.75
N SER F 86 14.29 24.07 13.67
CA SER F 86 12.90 24.23 14.09
C SER F 86 11.99 23.31 13.31
N SER F 87 12.29 23.09 12.02
CA SER F 87 11.54 22.11 11.25
C SER F 87 11.68 20.72 11.82
N ALA F 88 12.88 20.34 12.26
CA ALA F 88 13.06 19.03 12.87
C ALA F 88 12.25 18.89 14.15
N VAL F 89 12.23 19.93 14.98
CA VAL F 89 11.46 19.86 16.21
C VAL F 89 9.98 19.75 15.89
N MET F 90 9.51 20.51 14.90
CA MET F 90 8.10 20.41 14.50
C MET F 90 7.76 19.02 13.98
N ALA F 91 8.67 18.41 13.23
CA ALA F 91 8.42 17.05 12.75
C ALA F 91 8.32 16.08 13.91
N LEU F 92 9.23 16.20 14.88
CA LEU F 92 9.14 15.34 16.05
C LEU F 92 7.83 15.52 16.79
N GLN F 93 7.39 16.76 16.98
CA GLN F 93 6.14 16.99 17.68
C GLN F 93 4.94 16.44 16.91
N GLU F 94 4.92 16.63 15.60
CA GLU F 94 3.82 16.08 14.81
C GLU F 94 3.76 14.57 14.95
N ALA F 95 4.90 13.91 14.80
CA ALA F 95 4.90 12.45 14.89
C ALA F 95 4.46 11.98 16.27
N SER F 96 4.97 12.63 17.31
CA SER F 96 4.61 12.22 18.67
C SER F 96 3.14 12.41 18.95
N GLU F 97 2.58 13.56 18.54
CA GLU F 97 1.17 13.79 18.78
C GLU F 97 0.31 12.79 18.02
N ALA F 98 0.66 12.49 16.77
CA ALA F 98 -0.09 11.49 16.03
C ALA F 98 -0.01 10.11 16.68
N TYR F 99 1.17 9.72 17.14
CA TYR F 99 1.32 8.43 17.81
C TYR F 99 0.46 8.37 19.07
N LEU F 100 0.47 9.45 19.87
CA LEU F 100 -0.34 9.45 21.08
C LEU F 100 -1.83 9.40 20.75
N VAL F 101 -2.26 10.12 19.72
CA VAL F 101 -3.67 10.08 19.36
C VAL F 101 -4.08 8.68 18.93
N GLY F 102 -3.26 8.01 18.13
CA GLY F 102 -3.58 6.64 17.76
C GLY F 102 -3.60 5.70 18.94
N LEU F 103 -2.65 5.85 19.85
CA LEU F 103 -2.63 5.01 21.04
C LEU F 103 -3.90 5.21 21.86
N PHE F 104 -4.34 6.45 22.01
CA PHE F 104 -5.59 6.70 22.71
C PHE F 104 -6.78 6.13 21.99
N GLU F 105 -6.80 6.19 20.66
CA GLU F 105 -7.90 5.57 19.93
C GLU F 105 -8.00 4.08 20.22
N ASP F 106 -6.85 3.40 20.23
CA ASP F 106 -6.87 1.97 20.55
C ASP F 106 -7.26 1.71 21.99
N THR F 107 -6.72 2.50 22.92
CA THR F 107 -6.98 2.28 24.33
C THR F 107 -8.41 2.60 24.71
N ASN F 108 -9.10 3.44 23.94
CA ASN F 108 -10.51 3.69 24.21
C ASN F 108 -11.35 2.47 23.84
N LEU F 109 -11.04 1.86 22.70
CA LEU F 109 -11.75 0.64 22.32
C LEU F 109 -11.49 -0.48 23.30
N SER F 110 -10.26 -0.59 23.81
CA SER F 110 -10.01 -1.63 24.82
C SER F 110 -10.87 -1.41 26.07
N ALA F 111 -10.93 -0.18 26.57
CA ALA F 111 -11.74 0.10 27.74
C ALA F 111 -13.22 -0.13 27.48
N ILE F 112 -13.73 0.25 26.31
CA ILE F 112 -15.10 -0.04 25.98
C ILE F 112 -15.34 -1.55 25.96
N HIS F 113 -14.41 -2.30 25.39
CA HIS F 113 -14.53 -3.76 25.38
C HIS F 113 -14.57 -4.31 26.79
N ALA F 114 -13.88 -3.67 27.72
CA ALA F 114 -13.92 -4.09 29.12
C ALA F 114 -15.18 -3.59 29.83
N LYS F 115 -16.18 -3.12 29.08
CA LYS F 115 -17.44 -2.64 29.64
C LYS F 115 -17.24 -1.47 30.62
N ARG F 116 -16.45 -0.50 30.20
CA ARG F 116 -16.27 0.73 30.94
C ARG F 116 -16.28 1.91 29.98
N VAL F 117 -16.29 3.11 30.53
CA VAL F 117 -16.23 4.33 29.73
C VAL F 117 -15.05 5.17 30.20
N THR F 118 -14.39 4.73 31.27
CA THR F 118 -13.25 5.43 31.83
C THR F 118 -11.97 4.72 31.43
N ILE F 119 -11.05 5.47 30.81
CA ILE F 119 -9.76 4.88 30.45
C ILE F 119 -8.89 4.78 31.68
N MET F 120 -8.14 3.68 31.78
CA MET F 120 -7.23 3.47 32.89
C MET F 120 -6.01 2.74 32.37
N PRO F 121 -4.87 2.83 33.07
CA PRO F 121 -3.60 2.33 32.51
C PRO F 121 -3.62 0.85 32.12
N LYS F 122 -4.54 0.06 32.66
CA LYS F 122 -4.69 -1.31 32.17
C LYS F 122 -4.95 -1.32 30.67
N ASP F 123 -5.81 -0.42 30.21
CA ASP F 123 -6.13 -0.35 28.80
C ASP F 123 -4.93 0.05 27.96
N ILE F 124 -4.14 1.01 28.43
CA ILE F 124 -2.94 1.40 27.71
C ILE F 124 -1.98 0.23 27.62
N GLN F 125 -1.81 -0.48 28.73
CA GLN F 125 -0.92 -1.64 28.72
C GLN F 125 -1.41 -2.70 27.74
N LEU F 126 -2.71 -2.97 27.73
CA LEU F 126 -3.24 -3.97 26.82
C LEU F 126 -3.04 -3.56 25.37
N ALA F 127 -3.32 -2.30 25.04
CA ALA F 127 -3.14 -1.84 23.67
C ALA F 127 -1.68 -1.93 23.24
N ARG F 128 -0.76 -1.48 24.10
CA ARG F 128 0.66 -1.57 23.76
C ARG F 128 1.08 -3.01 23.56
N ARG F 129 0.61 -3.91 24.42
CA ARG F 129 0.96 -5.32 24.28
C ARG F 129 0.43 -5.91 22.99
N ILE F 130 -0.81 -5.60 22.63
CA ILE F 130 -1.39 -6.18 21.42
C ILE F 130 -0.72 -5.63 20.17
N ARG F 131 -0.40 -4.34 20.18
CA ARG F 131 0.27 -3.76 19.02
C ARG F 131 1.74 -4.14 18.93
N GLY F 132 2.20 -5.08 19.74
CA GLY F 132 3.55 -5.55 19.61
C GLY F 132 4.62 -4.58 20.05
N GLU F 133 4.25 -3.57 20.84
CA GLU F 133 5.24 -2.62 21.34
C GLU F 133 5.87 -3.05 22.66
N ARG F 134 5.39 -4.13 23.26
CA ARG F 134 5.92 -4.59 24.53
C ARG F 134 5.56 -6.05 24.77
N ARG G 19 23.64 23.64 28.04
CA ARG G 19 24.51 22.61 28.60
C ARG G 19 24.10 22.26 30.03
N LYS G 20 22.87 22.63 30.40
CA LYS G 20 22.41 22.47 31.77
C LYS G 20 20.97 21.99 31.86
N VAL G 21 20.48 21.29 30.84
CA VAL G 21 19.07 20.89 30.83
C VAL G 21 18.84 19.80 31.87
N LEU G 22 17.90 20.05 32.77
CA LEU G 22 17.56 19.08 33.82
C LEU G 22 16.52 18.12 33.30
N ARG G 23 15.99 17.28 34.18
CA ARG G 23 15.02 16.25 33.80
C ARG G 23 13.58 16.66 34.05
N ASP G 24 13.35 17.88 34.49
CA ASP G 24 11.99 18.30 34.84
C ASP G 24 11.10 18.47 33.61
N ASN G 25 11.68 18.53 32.42
CA ASN G 25 10.91 18.83 31.23
C ASN G 25 9.85 17.78 30.92
N ILE G 26 9.99 16.57 31.45
CA ILE G 26 8.94 15.57 31.25
C ILE G 26 7.63 16.05 31.83
N GLN G 27 7.69 16.82 32.91
CA GLN G 27 6.49 17.45 33.46
C GLN G 27 5.95 18.56 32.58
N GLY G 28 6.69 18.96 31.56
CA GLY G 28 6.18 19.96 30.63
C GLY G 28 4.92 19.52 29.93
N ILE G 29 4.79 18.22 29.66
CA ILE G 29 3.56 17.67 29.09
C ILE G 29 2.54 17.64 30.22
N THR G 30 1.66 18.62 30.24
CA THR G 30 0.79 18.84 31.38
C THR G 30 -0.44 17.94 31.32
N LYS G 31 -1.10 17.84 32.47
CA LYS G 31 -2.36 17.10 32.54
C LYS G 31 -3.41 17.63 31.57
N PRO G 32 -3.68 18.93 31.47
CA PRO G 32 -4.63 19.38 30.44
C PRO G 32 -4.18 19.08 29.03
N ALA G 33 -2.88 19.11 28.74
CA ALA G 33 -2.43 18.77 27.40
C ALA G 33 -2.72 17.32 27.07
N ILE G 34 -2.40 16.41 27.99
CA ILE G 34 -2.72 15.01 27.77
C ILE G 34 -4.23 14.83 27.67
N ARG G 35 -4.99 15.56 28.47
CA ARG G 35 -6.44 15.42 28.43
C ARG G 35 -7.00 15.85 27.08
N ARG G 36 -6.50 16.94 26.52
CA ARG G 36 -7.00 17.34 25.20
C ARG G 36 -6.50 16.41 24.09
N LEU G 37 -5.31 15.84 24.24
CA LEU G 37 -4.89 14.80 23.30
C LEU G 37 -5.86 13.63 23.31
N ALA G 38 -6.23 13.17 24.51
CA ALA G 38 -7.21 12.09 24.60
C ALA G 38 -8.56 12.53 24.06
N ARG G 39 -8.94 13.79 24.27
CA ARG G 39 -10.19 14.29 23.73
C ARG G 39 -10.22 14.21 22.22
N ARG G 40 -9.11 14.60 21.57
CA ARG G 40 -9.02 14.40 20.13
C ARG G 40 -9.08 12.91 19.79
N GLY G 41 -8.46 12.07 20.60
CA GLY G 41 -8.52 10.64 20.39
C GLY G 41 -9.88 10.02 20.63
N GLY G 42 -10.82 10.77 21.19
CA GLY G 42 -12.17 10.28 21.38
C GLY G 42 -12.47 9.75 22.77
N VAL G 43 -11.67 10.11 23.76
CA VAL G 43 -11.83 9.56 25.10
C VAL G 43 -12.88 10.37 25.86
N LYS G 44 -13.80 9.67 26.52
CA LYS G 44 -14.84 10.34 27.29
C LYS G 44 -14.30 10.87 28.61
N ARG G 45 -13.83 10.00 29.49
CA ARG G 45 -13.27 10.42 30.76
C ARG G 45 -12.00 9.65 31.06
N ILE G 46 -11.13 10.26 31.86
CA ILE G 46 -9.76 9.80 32.07
C ILE G 46 -9.55 9.56 33.55
N SER G 47 -8.99 8.40 33.89
CA SER G 47 -8.62 8.15 35.27
C SER G 47 -7.30 8.85 35.59
N GLY G 48 -7.10 9.13 36.89
CA GLY G 48 -5.97 9.93 37.30
C GLY G 48 -4.62 9.30 37.09
N LEU G 49 -4.56 7.98 36.96
CA LEU G 49 -3.28 7.30 36.80
C LEU G 49 -2.74 7.39 35.38
N ILE G 50 -3.53 7.89 34.45
CA ILE G 50 -3.11 7.94 33.05
C ILE G 50 -2.05 9.01 32.82
N TYR G 51 -2.10 10.12 33.55
CA TYR G 51 -1.21 11.23 33.26
C TYR G 51 0.25 10.86 33.50
N GLU G 52 0.50 9.80 34.25
CA GLU G 52 1.86 9.31 34.38
C GLU G 52 2.20 8.24 33.35
N GLU G 53 1.26 7.34 33.07
CA GLU G 53 1.51 6.29 32.10
C GLU G 53 1.78 6.86 30.71
N THR G 54 1.02 7.88 30.32
CA THR G 54 1.18 8.45 28.99
C THR G 54 2.52 9.15 28.84
N ARG G 55 2.94 9.92 29.84
CA ARG G 55 4.24 10.57 29.71
C ARG G 55 5.38 9.58 29.90
N GLY G 56 5.11 8.42 30.52
CA GLY G 56 6.08 7.35 30.45
C GLY G 56 6.20 6.77 29.05
N VAL G 57 5.09 6.62 28.36
CA VAL G 57 5.09 6.08 27.00
C VAL G 57 5.75 7.03 26.04
N LEU G 58 5.45 8.33 26.18
CA LEU G 58 5.92 9.32 25.23
C LEU G 58 7.44 9.42 25.21
N LYS G 59 8.06 9.41 26.39
CA LYS G 59 9.51 9.46 26.42
C LYS G 59 10.14 8.22 25.83
N VAL G 60 9.52 7.06 25.99
CA VAL G 60 10.03 5.85 25.35
C VAL G 60 9.97 6.00 23.84
N PHE G 61 8.86 6.52 23.33
CA PHE G 61 8.74 6.74 21.88
C PHE G 61 9.79 7.72 21.38
N LEU G 62 9.93 8.85 22.07
CA LEU G 62 10.88 9.87 21.65
C LEU G 62 12.31 9.39 21.72
N GLU G 63 12.66 8.60 22.73
CA GLU G 63 14.01 8.05 22.79
C GLU G 63 14.30 7.20 21.57
N ASN G 64 13.37 6.34 21.18
CA ASN G 64 13.59 5.49 20.02
C ASN G 64 13.77 6.32 18.76
N VAL G 65 12.96 7.36 18.59
CA VAL G 65 13.09 8.15 17.36
C VAL G 65 14.37 8.97 17.37
N ILE G 66 14.68 9.62 18.49
CA ILE G 66 15.81 10.53 18.54
C ILE G 66 17.12 9.77 18.45
N ARG G 67 17.20 8.58 19.06
CA ARG G 67 18.45 7.85 18.97
C ARG G 67 18.76 7.43 17.54
N ASP G 68 17.75 7.36 16.68
CA ASP G 68 17.99 7.09 15.27
C ASP G 68 18.28 8.36 14.49
N ALA G 69 17.66 9.48 14.87
CA ALA G 69 18.00 10.73 14.20
C ALA G 69 19.44 11.14 14.46
N VAL G 70 19.88 11.01 15.72
CA VAL G 70 21.20 11.47 16.08
C VAL G 70 22.30 10.64 15.43
N THR G 71 22.09 9.33 15.26
CA THR G 71 23.09 8.54 14.57
C THR G 71 23.14 8.85 13.08
N TYR G 72 22.00 9.19 12.47
CA TYR G 72 22.04 9.71 11.10
C TYR G 72 22.91 10.95 11.03
N THR G 73 22.68 11.91 11.94
CA THR G 73 23.47 13.12 11.92
C THR G 73 24.95 12.81 12.14
N GLU G 74 25.27 11.88 13.03
CA GLU G 74 26.66 11.49 13.24
C GLU G 74 27.26 10.92 11.96
N HIS G 75 26.52 10.07 11.26
CA HIS G 75 27.05 9.51 10.02
C HIS G 75 27.24 10.60 8.97
N ALA G 76 26.43 11.65 9.02
CA ALA G 76 26.63 12.78 8.12
C ALA G 76 27.68 13.75 8.62
N LYS G 77 28.30 13.46 9.78
CA LYS G 77 29.35 14.30 10.35
C LYS G 77 28.87 15.73 10.58
N ARG G 78 27.60 15.89 10.94
CA ARG G 78 27.04 17.20 11.20
C ARG G 78 26.92 17.44 12.70
N LYS G 79 26.56 18.68 13.06
CA LYS G 79 26.33 19.05 14.44
C LYS G 79 24.87 19.37 14.73
N THR G 80 24.06 19.64 13.72
CA THR G 80 22.65 19.90 13.92
C THR G 80 21.81 18.77 13.36
N VAL G 81 20.61 18.62 13.91
CA VAL G 81 19.69 17.57 13.52
C VAL G 81 18.69 18.18 12.54
N THR G 82 18.74 17.73 11.30
CA THR G 82 17.88 18.30 10.27
C THR G 82 16.54 17.58 10.25
N ALA G 83 15.60 18.15 9.48
CA ALA G 83 14.28 17.54 9.37
C ALA G 83 14.35 16.19 8.67
N MET G 84 15.23 16.07 7.68
CA MET G 84 15.33 14.81 6.95
C MET G 84 15.84 13.69 7.83
N ASP G 85 16.69 14.01 8.82
CA ASP G 85 17.13 12.98 9.75
C ASP G 85 15.95 12.41 10.53
N VAL G 86 15.07 13.27 11.02
CA VAL G 86 13.91 12.79 11.75
C VAL G 86 12.97 12.03 10.82
N VAL G 87 12.83 12.51 9.58
CA VAL G 87 11.94 11.83 8.65
C VAL G 87 12.46 10.43 8.35
N TYR G 88 13.76 10.28 8.12
CA TYR G 88 14.33 8.96 7.91
C TYR G 88 14.19 8.08 9.13
N ALA G 89 14.44 8.62 10.32
CA ALA G 89 14.30 7.83 11.54
C ALA G 89 12.88 7.32 11.69
N LEU G 90 11.88 8.18 11.42
CA LEU G 90 10.50 7.73 11.48
C LEU G 90 10.20 6.71 10.40
N LYS G 91 10.75 6.90 9.20
CA LYS G 91 10.47 5.96 8.11
C LYS G 91 10.97 4.57 8.43
N ARG G 92 12.17 4.47 8.99
CA ARG G 92 12.72 3.15 9.30
C ARG G 92 11.98 2.46 10.43
N GLN G 93 11.09 3.16 11.14
CA GLN G 93 10.22 2.54 12.13
C GLN G 93 8.83 2.29 11.61
N GLY G 94 8.62 2.36 10.30
CA GLY G 94 7.29 2.18 9.77
C GLY G 94 6.32 3.26 10.18
N ARG G 95 6.79 4.50 10.32
CA ARG G 95 5.97 5.63 10.71
C ARG G 95 6.23 6.80 9.78
N THR G 96 6.15 6.56 8.49
CA THR G 96 6.48 7.59 7.50
C THR G 96 5.65 8.84 7.73
N LEU G 97 6.30 9.99 7.59
CA LEU G 97 5.68 11.28 7.84
C LEU G 97 5.78 12.13 6.58
N TYR G 98 4.67 12.72 6.18
CA TYR G 98 4.64 13.61 5.02
C TYR G 98 4.70 15.06 5.47
N GLY G 99 5.15 15.93 4.59
CA GLY G 99 5.12 17.35 4.83
C GLY G 99 6.43 17.98 5.29
N PHE G 100 7.52 17.24 5.31
CA PHE G 100 8.80 17.82 5.68
C PHE G 100 9.92 17.41 4.73
N GLY G 101 9.59 16.92 3.55
CA GLY G 101 10.59 16.50 2.59
C GLY G 101 10.29 15.15 1.97
N ALA H 10 53.10 -18.72 -9.21
CA ALA H 10 54.49 -18.54 -8.86
C ALA H 10 54.72 -17.16 -8.24
N ARG H 11 53.64 -16.50 -7.85
CA ARG H 11 53.71 -15.16 -7.28
C ARG H 11 53.75 -15.22 -5.76
N ALA H 12 52.73 -15.81 -5.14
CA ALA H 12 52.64 -15.93 -3.70
C ALA H 12 51.58 -16.96 -3.37
N LYS H 13 51.62 -17.44 -2.12
CA LYS H 13 50.61 -18.38 -1.64
C LYS H 13 49.30 -17.65 -1.42
N ALA H 14 48.21 -18.23 -1.90
CA ALA H 14 46.91 -17.58 -1.81
C ALA H 14 46.41 -17.58 -0.37
N CYS H 15 46.14 -16.40 0.17
CA CYS H 15 45.54 -16.24 1.48
C CYS H 15 44.20 -15.56 1.33
N THR H 16 43.15 -16.18 1.87
CA THR H 16 41.83 -15.59 1.80
C THR H 16 41.74 -14.38 2.71
N ARG H 17 40.89 -13.42 2.30
CA ARG H 17 40.71 -12.22 3.12
C ARG H 17 40.11 -12.55 4.47
N SER H 18 39.27 -13.59 4.54
CA SER H 18 38.77 -14.04 5.82
C SER H 18 39.90 -14.51 6.73
N SER H 19 40.86 -15.23 6.18
CA SER H 19 42.05 -15.60 6.95
C SER H 19 42.89 -14.39 7.31
N ARG H 20 42.97 -13.39 6.43
CA ARG H 20 43.68 -12.16 6.76
C ARG H 20 43.06 -11.48 7.96
N ALA H 21 41.73 -11.43 8.01
CA ALA H 21 41.02 -10.88 9.15
C ALA H 21 40.78 -11.91 10.25
N GLY H 22 41.13 -13.17 10.01
CA GLY H 22 40.91 -14.20 11.00
C GLY H 22 39.45 -14.44 11.27
N LEU H 23 38.65 -14.43 10.21
CA LEU H 23 37.22 -14.65 10.30
C LEU H 23 36.89 -16.07 9.85
N GLN H 24 35.61 -16.37 9.81
CA GLN H 24 35.13 -17.66 9.30
C GLN H 24 34.24 -17.51 8.09
N PHE H 25 33.38 -16.50 8.06
CA PHE H 25 32.51 -16.32 6.92
C PHE H 25 33.30 -15.86 5.71
N PRO H 26 32.84 -16.16 4.50
CA PRO H 26 33.65 -15.88 3.30
C PRO H 26 33.63 -14.41 2.91
N VAL H 27 34.74 -13.72 3.18
CA VAL H 27 34.82 -12.30 2.84
C VAL H 27 34.70 -12.12 1.34
N GLY H 28 35.33 -13.00 0.56
CA GLY H 28 35.23 -12.89 -0.89
C GLY H 28 33.81 -13.06 -1.39
N ARG H 29 33.09 -14.04 -0.85
CA ARG H 29 31.71 -14.24 -1.27
C ARG H 29 30.84 -13.06 -0.87
N VAL H 30 31.07 -12.51 0.32
CA VAL H 30 30.31 -11.33 0.74
C VAL H 30 30.60 -10.16 -0.18
N HIS H 31 31.87 -9.96 -0.54
CA HIS H 31 32.23 -8.89 -1.43
C HIS H 31 31.57 -9.06 -2.79
N ARG H 32 31.55 -10.28 -3.32
CA ARG H 32 30.88 -10.51 -4.59
C ARG H 32 29.39 -10.22 -4.47
N LEU H 33 28.76 -10.67 -3.38
CA LEU H 33 27.34 -10.43 -3.21
C LEU H 33 27.02 -8.94 -3.14
N LEU H 34 27.89 -8.16 -2.50
CA LEU H 34 27.65 -6.73 -2.39
C LEU H 34 27.60 -6.08 -3.77
N ARG H 35 28.63 -6.31 -4.59
CA ARG H 35 28.71 -5.61 -5.87
C ARG H 35 27.76 -6.22 -6.91
N LYS H 36 27.34 -7.46 -6.75
CA LYS H 36 26.33 -8.03 -7.62
C LYS H 36 24.92 -7.84 -7.08
N GLY H 37 24.79 -7.15 -5.95
CA GLY H 37 23.49 -6.94 -5.34
C GLY H 37 22.82 -5.64 -5.65
N ASN H 38 23.41 -4.79 -6.50
CA ASN H 38 22.83 -3.50 -6.87
C ASN H 38 22.59 -2.63 -5.64
N TYR H 39 23.56 -2.63 -4.72
CA TYR H 39 23.47 -1.80 -3.52
C TYR H 39 24.12 -0.45 -3.69
N SER H 40 25.21 -0.37 -4.45
CA SER H 40 25.84 0.89 -4.77
C SER H 40 26.76 0.68 -5.97
N GLU H 41 27.21 1.80 -6.55
CA GLU H 41 28.05 1.71 -7.74
C GLU H 41 29.38 1.03 -7.43
N ARG H 42 30.05 1.47 -6.36
CA ARG H 42 31.33 0.90 -5.97
C ARG H 42 31.30 0.57 -4.48
N VAL H 43 32.10 -0.42 -4.10
CA VAL H 43 32.09 -0.98 -2.76
C VAL H 43 33.45 -0.80 -2.12
N GLY H 44 33.47 -0.27 -0.90
CA GLY H 44 34.73 -0.10 -0.20
C GLY H 44 35.37 -1.41 0.17
N ALA H 45 36.68 -1.37 0.41
CA ALA H 45 37.42 -2.59 0.69
C ALA H 45 37.04 -3.20 2.03
N GLY H 46 36.85 -2.38 3.05
CA GLY H 46 36.55 -2.90 4.37
C GLY H 46 35.11 -3.30 4.59
N ALA H 47 34.22 -2.97 3.65
CA ALA H 47 32.81 -3.30 3.84
C ALA H 47 32.56 -4.79 3.98
N PRO H 48 33.07 -5.65 3.09
CA PRO H 48 32.88 -7.10 3.31
C PRO H 48 33.50 -7.59 4.60
N VAL H 49 34.64 -7.05 5.00
CA VAL H 49 35.26 -7.49 6.25
C VAL H 49 34.34 -7.19 7.42
N TYR H 50 33.85 -5.96 7.50
CA TYR H 50 32.97 -5.58 8.60
C TYR H 50 31.69 -6.40 8.59
N LEU H 51 31.09 -6.58 7.42
CA LEU H 51 29.84 -7.32 7.33
C LEU H 51 30.02 -8.78 7.72
N ALA H 52 31.10 -9.41 7.26
CA ALA H 52 31.36 -10.80 7.63
C ALA H 52 31.60 -10.93 9.12
N ALA H 53 32.32 -9.98 9.73
CA ALA H 53 32.51 -10.04 11.16
C ALA H 53 31.18 -9.96 11.89
N VAL H 54 30.30 -9.06 11.46
CA VAL H 54 29.02 -8.90 12.14
C VAL H 54 28.20 -10.17 12.02
N LEU H 55 28.13 -10.75 10.82
CA LEU H 55 27.34 -11.96 10.64
C LEU H 55 27.91 -13.12 11.45
N GLU H 56 29.23 -13.26 11.49
CA GLU H 56 29.83 -14.31 12.29
C GLU H 56 29.50 -14.14 13.76
N TYR H 57 29.56 -12.91 14.27
CA TYR H 57 29.22 -12.70 15.67
C TYR H 57 27.77 -13.06 15.95
N LEU H 58 26.84 -12.63 15.09
CA LEU H 58 25.44 -12.94 15.34
C LEU H 58 25.16 -14.44 15.30
N THR H 59 25.74 -15.13 14.33
CA THR H 59 25.56 -16.58 14.27
C THR H 59 26.15 -17.25 15.49
N ALA H 60 27.30 -16.77 15.97
CA ALA H 60 27.88 -17.33 17.17
C ALA H 60 26.95 -17.16 18.35
N GLU H 61 26.35 -15.97 18.50
CA GLU H 61 25.42 -15.74 19.59
C GLU H 61 24.24 -16.71 19.54
N ILE H 62 23.61 -16.82 18.38
CA ILE H 62 22.43 -17.67 18.26
C ILE H 62 22.80 -19.13 18.50
N LEU H 63 23.93 -19.57 17.96
CA LEU H 63 24.34 -20.95 18.15
C LEU H 63 24.67 -21.24 19.61
N GLU H 64 25.29 -20.30 20.31
CA GLU H 64 25.55 -20.50 21.74
C GLU H 64 24.24 -20.70 22.49
N LEU H 65 23.28 -19.81 22.27
CA LEU H 65 22.01 -19.95 22.99
C LEU H 65 21.29 -21.25 22.62
N ALA H 66 21.32 -21.61 21.34
CA ALA H 66 20.63 -22.83 20.91
C ALA H 66 21.29 -24.07 21.48
N GLY H 67 22.62 -24.09 21.54
CA GLY H 67 23.30 -25.21 22.16
C GLY H 67 22.99 -25.32 23.64
N ASN H 68 22.91 -24.18 24.34
CA ASN H 68 22.49 -24.23 25.73
C ASN H 68 21.09 -24.83 25.84
N ALA H 69 20.17 -24.39 24.99
CA ALA H 69 18.81 -24.92 25.03
C ALA H 69 18.78 -26.42 24.72
N ALA H 70 19.65 -26.89 23.82
CA ALA H 70 19.67 -28.30 23.48
C ALA H 70 20.19 -29.13 24.64
N ARG H 71 21.29 -28.70 25.24
CA ARG H 71 21.82 -29.46 26.38
C ARG H 71 20.91 -29.38 27.58
N ASP H 72 20.09 -28.33 27.69
CA ASP H 72 19.05 -28.33 28.71
C ASP H 72 17.96 -29.34 28.39
N ASN H 73 17.82 -29.72 27.13
CA ASN H 73 16.90 -30.77 26.72
C ASN H 73 17.58 -32.11 26.55
N LYS H 74 18.85 -32.21 26.95
CA LYS H 74 19.58 -33.47 26.94
C LYS H 74 19.66 -34.08 25.55
N LYS H 75 20.01 -33.26 24.57
CA LYS H 75 20.17 -33.73 23.19
C LYS H 75 21.46 -33.16 22.61
N THR H 76 21.89 -33.76 21.51
CA THR H 76 23.16 -33.38 20.91
C THR H 76 23.01 -32.67 19.57
N ARG H 77 21.85 -32.76 18.92
CA ARG H 77 21.64 -32.16 17.61
C ARG H 77 20.64 -31.03 17.71
N ILE H 78 21.02 -29.87 17.20
CA ILE H 78 20.18 -28.68 17.30
C ILE H 78 19.04 -28.81 16.30
N ILE H 79 17.81 -28.60 16.78
CA ILE H 79 16.61 -28.70 15.94
C ILE H 79 15.91 -27.36 15.99
N PRO H 80 14.99 -27.06 15.05
CA PRO H 80 14.31 -25.76 15.07
C PRO H 80 13.61 -25.44 16.37
N ARG H 81 13.15 -26.44 17.11
CA ARG H 81 12.56 -26.16 18.42
C ARG H 81 13.58 -25.50 19.34
N HIS H 82 14.82 -25.99 19.34
CA HIS H 82 15.86 -25.39 20.15
C HIS H 82 16.16 -23.97 19.72
N LEU H 83 16.20 -23.71 18.42
CA LEU H 83 16.41 -22.35 17.95
C LEU H 83 15.30 -21.42 18.40
N GLN H 84 14.04 -21.87 18.31
CA GLN H 84 12.94 -21.04 18.77
C GLN H 84 13.05 -20.75 20.26
N LEU H 85 13.36 -21.77 21.06
CA LEU H 85 13.52 -21.56 22.49
C LEU H 85 14.66 -20.61 22.80
N ALA H 86 15.76 -20.71 22.06
CA ALA H 86 16.88 -19.81 22.28
C ALA H 86 16.54 -18.39 21.89
N ILE H 87 15.83 -18.19 20.79
CA ILE H 87 15.52 -16.84 20.33
C ILE H 87 14.51 -16.15 21.22
N ARG H 88 13.44 -16.85 21.60
CA ARG H 88 12.38 -16.19 22.35
C ARG H 88 12.80 -15.83 23.76
N ASN H 89 13.71 -16.58 24.36
CA ASN H 89 14.13 -16.28 25.73
C ASN H 89 14.98 -15.02 25.80
N ASP H 90 15.93 -14.87 24.87
CA ASP H 90 16.78 -13.69 24.88
C ASP H 90 16.00 -12.47 24.40
N GLU H 91 16.01 -11.41 25.21
CA GLU H 91 15.23 -10.23 24.87
C GLU H 91 15.76 -9.55 23.62
N GLU H 92 17.08 -9.43 23.50
CA GLU H 92 17.66 -8.76 22.35
C GLU H 92 17.30 -9.46 21.05
N LEU H 93 17.56 -10.77 20.98
CA LEU H 93 17.22 -11.52 19.78
C LEU H 93 15.72 -11.55 19.55
N ASN H 94 14.92 -11.62 20.61
CA ASN H 94 13.48 -11.65 20.43
C ASN H 94 12.98 -10.36 19.77
N LYS H 95 13.51 -9.22 20.20
CA LYS H 95 13.13 -7.97 19.55
C LYS H 95 13.70 -7.89 18.15
N LEU H 96 14.90 -8.44 17.93
CA LEU H 96 15.49 -8.41 16.60
C LEU H 96 14.66 -9.20 15.60
N LEU H 97 14.15 -10.36 16.02
CA LEU H 97 13.42 -11.25 15.14
C LEU H 97 11.96 -11.36 15.57
N GLY H 98 11.38 -10.23 15.97
CA GLY H 98 9.99 -10.24 16.39
C GLY H 98 9.01 -10.50 15.28
N ARG H 99 9.41 -10.25 14.03
CA ARG H 99 8.54 -10.44 12.88
C ARG H 99 8.87 -11.70 12.09
N VAL H 100 9.55 -12.66 12.72
CA VAL H 100 10.07 -13.83 12.03
C VAL H 100 9.33 -15.06 12.53
N THR H 101 8.82 -15.85 11.59
CA THR H 101 8.21 -17.13 11.91
C THR H 101 9.20 -18.25 11.60
N ILE H 102 9.38 -19.17 12.54
CA ILE H 102 10.31 -20.27 12.39
C ILE H 102 9.50 -21.55 12.26
N ALA H 103 9.73 -22.28 11.17
CA ALA H 103 9.04 -23.53 10.95
C ALA H 103 9.50 -24.57 11.97
N GLN H 104 8.54 -25.39 12.41
CA GLN H 104 8.79 -26.40 13.44
C GLN H 104 9.37 -25.77 14.69
N GLY H 105 8.85 -24.60 15.06
CA GLY H 105 9.40 -23.86 16.16
C GLY H 105 8.58 -23.94 17.42
N GLY H 106 7.27 -24.05 17.29
CA GLY H 106 6.42 -24.05 18.46
C GLY H 106 6.40 -22.69 19.11
N VAL H 107 5.84 -22.65 20.31
CA VAL H 107 5.74 -21.40 21.06
C VAL H 107 6.42 -21.56 22.41
N LEU H 108 6.76 -20.44 23.03
CA LEU H 108 7.32 -20.54 24.37
C LEU H 108 6.21 -20.92 25.36
N PRO H 109 6.42 -21.97 26.15
CA PRO H 109 5.34 -22.44 27.04
C PRO H 109 5.07 -21.44 28.16
N ASN H 110 3.85 -20.92 28.18
CA ASN H 110 3.43 -20.05 29.27
C ASN H 110 1.91 -20.08 29.37
N ILE H 111 1.41 -20.02 30.60
CA ILE H 111 -0.01 -20.00 30.88
C ILE H 111 -0.30 -18.81 31.78
N GLN H 112 -1.34 -18.05 31.43
CA GLN H 112 -1.69 -16.89 32.23
C GLN H 112 -2.16 -17.32 33.62
N ALA H 113 -1.70 -16.58 34.63
CA ALA H 113 -1.94 -16.96 36.01
C ALA H 113 -3.41 -17.01 36.37
N VAL H 114 -4.26 -16.26 35.67
CA VAL H 114 -5.68 -16.30 35.97
C VAL H 114 -6.26 -17.67 35.67
N LEU H 115 -5.78 -18.32 34.62
CA LEU H 115 -6.34 -19.60 34.21
C LEU H 115 -5.95 -20.74 35.13
N LEU H 116 -4.86 -20.61 35.87
CA LEU H 116 -4.45 -21.68 36.78
C LEU H 116 -5.49 -21.87 37.87
N PRO H 117 -5.73 -23.09 38.31
CA PRO H 117 -6.79 -23.33 39.29
C PRO H 117 -6.38 -22.90 40.69
N LYS H 118 -7.32 -22.29 41.39
CA LYS H 118 -7.08 -21.83 42.76
C LYS H 118 -8.41 -21.57 43.46
N ARG I 31 22.64 -29.15 -13.31
CA ARG I 31 23.91 -29.22 -12.60
C ARG I 31 24.32 -27.85 -12.08
N SER I 32 23.35 -27.10 -11.58
CA SER I 32 23.61 -25.76 -11.08
C SER I 32 24.31 -25.82 -9.73
N ARG I 33 25.40 -25.07 -9.60
CA ARG I 33 26.15 -25.02 -8.35
C ARG I 33 25.55 -23.93 -7.47
N LYS I 34 24.78 -24.34 -6.46
CA LYS I 34 24.13 -23.41 -5.55
C LYS I 34 24.95 -23.25 -4.28
N GLU I 35 24.89 -22.05 -3.71
CA GLU I 35 25.70 -21.69 -2.56
C GLU I 35 24.83 -21.44 -1.33
N SER I 36 25.43 -21.68 -0.17
CA SER I 36 24.81 -21.38 1.11
C SER I 36 25.93 -21.04 2.09
N TYR I 37 25.59 -20.99 3.37
CA TYR I 37 26.58 -20.72 4.42
C TYR I 37 26.76 -21.91 5.34
N SER I 38 26.39 -23.11 4.91
CA SER I 38 26.36 -24.26 5.81
C SER I 38 27.75 -24.57 6.37
N VAL I 39 28.78 -24.51 5.54
CA VAL I 39 30.12 -24.83 5.99
C VAL I 39 30.56 -23.87 7.09
N TYR I 40 30.34 -22.59 6.88
CA TYR I 40 30.75 -21.58 7.86
C TYR I 40 29.92 -21.68 9.13
N VAL I 41 28.62 -21.95 9.00
CA VAL I 41 27.79 -22.16 10.17
C VAL I 41 28.31 -23.34 10.98
N TYR I 42 28.69 -24.42 10.29
CA TYR I 42 29.21 -25.57 10.99
C TYR I 42 30.54 -25.27 11.67
N LYS I 43 31.41 -24.50 11.03
CA LYS I 43 32.67 -24.13 11.66
C LYS I 43 32.45 -23.30 12.91
N VAL I 44 31.53 -22.33 12.85
CA VAL I 44 31.24 -21.54 14.04
C VAL I 44 30.62 -22.41 15.13
N LEU I 45 29.74 -23.33 14.74
CA LEU I 45 29.11 -24.21 15.72
C LEU I 45 30.15 -25.08 16.42
N LYS I 46 31.13 -25.58 15.66
CA LYS I 46 32.20 -26.35 16.28
C LYS I 46 33.14 -25.50 17.12
N GLN I 47 33.30 -24.23 16.80
CA GLN I 47 34.09 -23.36 17.66
C GLN I 47 33.35 -22.98 18.94
N VAL I 48 32.03 -22.97 18.93
CA VAL I 48 31.23 -22.63 20.10
C VAL I 48 30.96 -23.84 20.98
N HIS I 49 30.25 -24.85 20.44
CA HIS I 49 30.00 -26.11 21.12
C HIS I 49 30.69 -27.20 20.31
N PRO I 50 31.89 -27.62 20.71
CA PRO I 50 32.63 -28.61 19.89
C PRO I 50 31.96 -29.96 19.80
N ASP I 51 31.01 -30.27 20.68
CA ASP I 51 30.39 -31.59 20.66
C ASP I 51 28.87 -31.49 20.56
N THR I 52 28.38 -30.70 19.61
CA THR I 52 26.95 -30.53 19.40
C THR I 52 26.65 -30.67 17.92
N GLY I 53 25.63 -31.45 17.60
CA GLY I 53 25.18 -31.59 16.23
C GLY I 53 24.11 -30.56 15.88
N ILE I 54 23.78 -30.51 14.60
CA ILE I 54 22.77 -29.60 14.08
C ILE I 54 21.97 -30.33 13.03
N SER I 55 20.64 -30.24 13.12
CA SER I 55 19.79 -30.90 12.15
C SER I 55 19.93 -30.24 10.79
N SER I 56 19.54 -30.99 9.76
CA SER I 56 19.53 -30.43 8.42
C SER I 56 18.56 -29.25 8.34
N LYS I 57 17.38 -29.40 8.92
CA LYS I 57 16.41 -28.31 8.89
C LYS I 57 16.87 -27.11 9.68
N ALA I 58 17.56 -27.34 10.80
CA ALA I 58 18.10 -26.21 11.54
C ALA I 58 19.15 -25.46 10.73
N MET I 59 19.96 -26.18 9.94
CA MET I 59 20.93 -25.52 9.09
C MET I 59 20.25 -24.62 8.07
N GLY I 60 19.13 -25.07 7.50
CA GLY I 60 18.38 -24.21 6.61
C GLY I 60 17.87 -22.97 7.29
N ILE I 61 17.42 -23.09 8.54
CA ILE I 61 16.99 -21.93 9.29
C ILE I 61 18.13 -20.96 9.49
N MET I 62 19.32 -21.48 9.82
CA MET I 62 20.47 -20.60 9.97
C MET I 62 20.80 -19.90 8.66
N ASN I 63 20.71 -20.61 7.54
CA ASN I 63 20.97 -19.96 6.25
C ASN I 63 19.96 -18.85 5.98
N SER I 64 18.69 -19.12 6.24
CA SER I 64 17.67 -18.09 6.04
C SER I 64 17.93 -16.87 6.92
N PHE I 65 18.30 -17.11 8.18
CA PHE I 65 18.60 -16.01 9.09
C PHE I 65 19.78 -15.19 8.59
N VAL I 66 20.83 -15.88 8.13
CA VAL I 66 22.02 -15.19 7.65
C VAL I 66 21.67 -14.32 6.44
N ASN I 67 20.93 -14.87 5.49
CA ASN I 67 20.55 -14.09 4.33
C ASN I 67 19.67 -12.90 4.71
N ASP I 68 18.74 -13.10 5.64
CA ASP I 68 17.86 -12.01 6.05
C ASP I 68 18.65 -10.87 6.68
N ILE I 69 19.55 -11.20 7.61
CA ILE I 69 20.34 -10.14 8.25
C ILE I 69 21.25 -9.46 7.24
N PHE I 70 21.86 -10.23 6.33
CA PHE I 70 22.72 -9.63 5.32
C PHE I 70 21.94 -8.64 4.47
N GLU I 71 20.74 -9.03 4.03
CA GLU I 71 19.92 -8.12 3.25
C GLU I 71 19.53 -6.89 4.05
N ARG I 72 19.17 -7.05 5.32
CA ARG I 72 18.82 -5.89 6.13
C ARG I 72 19.98 -4.89 6.19
N ILE I 73 21.17 -5.38 6.50
CA ILE I 73 22.31 -4.48 6.66
C ILE I 73 22.67 -3.83 5.33
N ALA I 74 22.69 -4.62 4.25
CA ALA I 74 23.03 -4.04 2.96
C ALA I 74 22.00 -3.00 2.52
N GLY I 75 20.72 -3.28 2.72
CA GLY I 75 19.71 -2.30 2.38
C GLY I 75 19.82 -1.03 3.16
N GLU I 76 20.13 -1.13 4.45
CA GLU I 76 20.32 0.09 5.23
C GLU I 76 21.53 0.87 4.77
N ALA I 77 22.64 0.19 4.50
CA ALA I 77 23.83 0.88 4.04
C ALA I 77 23.63 1.56 2.70
N SER I 78 22.91 0.90 1.78
CA SER I 78 22.65 1.53 0.49
C SER I 78 21.85 2.80 0.64
N ARG I 79 20.81 2.78 1.49
CA ARG I 79 20.02 3.99 1.70
C ARG I 79 20.84 5.07 2.37
N LEU I 80 21.73 4.70 3.29
CA LEU I 80 22.60 5.71 3.89
C LEU I 80 23.50 6.36 2.84
N ALA I 81 24.09 5.55 1.97
CA ALA I 81 24.95 6.10 0.93
C ALA I 81 24.18 7.00 -0.01
N HIS I 82 22.96 6.62 -0.37
CA HIS I 82 22.15 7.49 -1.20
C HIS I 82 21.77 8.78 -0.49
N TYR I 83 21.41 8.70 0.80
CA TYR I 83 21.04 9.90 1.53
C TYR I 83 22.19 10.89 1.62
N ASN I 84 23.40 10.41 1.89
CA ASN I 84 24.53 11.29 2.06
C ASN I 84 25.26 11.57 0.75
N LYS I 85 24.58 11.40 -0.38
CA LYS I 85 25.11 11.78 -1.70
C LYS I 85 26.44 11.12 -1.99
N ARG I 86 26.65 9.92 -1.47
CA ARG I 86 27.86 9.18 -1.76
C ARG I 86 27.60 8.18 -2.89
N SER I 87 28.66 7.48 -3.29
CA SER I 87 28.54 6.41 -4.27
C SER I 87 29.40 5.20 -3.89
N THR I 88 29.96 5.18 -2.68
CA THR I 88 30.79 4.07 -2.23
C THR I 88 30.28 3.63 -0.87
N ILE I 89 29.97 2.34 -0.74
CA ILE I 89 29.61 1.76 0.54
C ILE I 89 30.91 1.32 1.21
N THR I 90 31.21 1.92 2.35
CA THR I 90 32.40 1.57 3.11
C THR I 90 31.99 1.06 4.49
N SER I 91 32.98 0.65 5.27
CA SER I 91 32.71 0.20 6.62
C SER I 91 32.10 1.30 7.47
N ARG I 92 32.34 2.55 7.12
CA ARG I 92 31.73 3.66 7.85
C ARG I 92 30.21 3.61 7.76
N GLU I 93 29.68 3.28 6.58
CA GLU I 93 28.24 3.12 6.44
C GLU I 93 27.74 1.87 7.15
N ILE I 94 28.50 0.78 7.12
CA ILE I 94 28.07 -0.44 7.77
C ILE I 94 28.01 -0.29 9.28
N GLN I 95 28.92 0.46 9.89
CA GLN I 95 28.81 0.74 11.31
C GLN I 95 27.47 1.36 11.63
N THR I 96 27.08 2.38 10.88
CA THR I 96 25.82 3.07 11.15
C THR I 96 24.63 2.16 10.87
N ALA I 97 24.71 1.34 9.82
CA ALA I 97 23.63 0.41 9.55
C ALA I 97 23.45 -0.57 10.69
N VAL I 98 24.54 -1.10 11.23
CA VAL I 98 24.45 -2.00 12.37
C VAL I 98 23.86 -1.26 13.57
N ARG I 99 24.33 -0.05 13.82
CA ARG I 99 23.78 0.74 14.93
C ARG I 99 22.28 0.96 14.78
N LEU I 100 21.81 1.15 13.56
CA LEU I 100 20.38 1.36 13.35
C LEU I 100 19.58 0.07 13.51
N LEU I 101 20.15 -1.05 13.05
CA LEU I 101 19.38 -2.28 13.03
C LEU I 101 19.42 -3.02 14.35
N LEU I 102 20.61 -3.37 14.82
CA LEU I 102 20.67 -4.19 16.02
C LEU I 102 20.32 -3.35 17.24
N PRO I 103 19.58 -3.92 18.20
CA PRO I 103 19.19 -3.15 19.38
C PRO I 103 20.18 -3.24 20.54
N GLY I 104 20.59 -2.07 21.00
CA GLY I 104 21.27 -1.96 22.29
C GLY I 104 22.55 -2.76 22.38
N GLU I 105 22.61 -3.61 23.42
CA GLU I 105 23.84 -4.34 23.73
C GLU I 105 24.32 -5.17 22.55
N LEU I 106 23.38 -5.77 21.82
CA LEU I 106 23.75 -6.54 20.64
C LEU I 106 24.46 -5.66 19.63
N ALA I 107 23.94 -4.46 19.38
CA ALA I 107 24.59 -3.54 18.46
C ALA I 107 25.96 -3.13 18.95
N LYS I 108 26.09 -2.84 20.25
CA LYS I 108 27.39 -2.44 20.77
C LYS I 108 28.42 -3.55 20.58
N HIS I 109 28.05 -4.78 20.92
CA HIS I 109 28.97 -5.90 20.74
C HIS I 109 29.31 -6.12 19.28
N ALA I 110 28.32 -6.00 18.40
CA ALA I 110 28.59 -6.21 16.98
C ALA I 110 29.53 -5.16 16.43
N VAL I 111 29.36 -3.90 16.83
CA VAL I 111 30.28 -2.86 16.38
C VAL I 111 31.68 -3.13 16.90
N SER I 112 31.78 -3.52 18.18
CA SER I 112 33.10 -3.84 18.73
C SER I 112 33.75 -4.98 17.97
N GLU I 113 32.98 -6.00 17.62
CA GLU I 113 33.52 -7.13 16.87
C GLU I 113 33.96 -6.72 15.47
N GLY I 114 33.16 -5.93 14.78
CA GLY I 114 33.47 -5.54 13.42
C GLY I 114 34.69 -4.65 13.31
N THR I 115 34.80 -3.68 14.22
CA THR I 115 35.95 -2.79 14.19
C THR I 115 37.25 -3.54 14.38
N LYS I 116 37.28 -4.51 15.29
CA LYS I 116 38.49 -5.28 15.52
C LYS I 116 38.89 -6.06 14.28
N ALA I 117 37.92 -6.68 13.61
CA ALA I 117 38.23 -7.44 12.41
C ALA I 117 38.76 -6.53 11.31
N VAL I 118 38.16 -5.35 11.15
CA VAL I 118 38.66 -4.43 10.13
C VAL I 118 40.07 -3.98 10.47
N THR I 119 40.33 -3.71 11.75
CA THR I 119 41.68 -3.30 12.16
C THR I 119 42.69 -4.39 11.83
N LYS I 120 42.37 -5.63 12.19
CA LYS I 120 43.29 -6.73 11.90
C LYS I 120 43.51 -6.91 10.40
N TYR I 121 42.44 -6.80 9.61
CA TYR I 121 42.57 -6.95 8.17
C TYR I 121 43.44 -5.85 7.58
N THR I 122 43.25 -4.62 8.04
CA THR I 122 44.07 -3.51 7.55
C THR I 122 45.50 -3.58 8.04
N SER I 123 45.73 -4.29 9.15
CA SER I 123 47.10 -4.48 9.64
C SER I 123 47.95 -5.26 8.65
N ALA I 124 47.39 -6.26 7.99
CA ALA I 124 48.13 -7.08 7.05
C ALA I 124 47.60 -6.88 5.63
N MET J 1 -18.74 -2.78 -33.07
CA MET J 1 -19.12 -2.39 -34.43
C MET J 1 -19.23 -0.87 -34.55
N ALA J 2 -18.36 -0.30 -35.38
CA ALA J 2 -18.36 1.14 -35.65
C ALA J 2 -19.23 1.50 -36.84
N LEU J 3 -19.77 0.52 -37.55
CA LEU J 3 -20.54 0.78 -38.76
C LEU J 3 -21.78 1.61 -38.46
N LYS J 4 -22.49 1.29 -37.38
CA LYS J 4 -23.70 2.04 -37.04
C LYS J 4 -23.38 3.51 -36.81
N ARG J 5 -22.32 3.79 -36.03
CA ARG J 5 -21.95 5.17 -35.77
C ARG J 5 -21.50 5.88 -37.04
N ILE J 6 -20.73 5.20 -37.89
CA ILE J 6 -20.27 5.82 -39.13
C ILE J 6 -21.46 6.18 -40.01
N ASN J 7 -22.42 5.25 -40.15
CA ASN J 7 -23.59 5.50 -40.98
C ASN J 7 -24.45 6.60 -40.38
N LYS J 8 -24.60 6.63 -39.06
CA LYS J 8 -25.37 7.70 -38.44
C LYS J 8 -24.72 9.06 -38.66
N GLU J 9 -23.39 9.13 -38.52
CA GLU J 9 -22.69 10.37 -38.77
C GLU J 9 -22.84 10.82 -40.23
N LEU J 10 -22.75 9.88 -41.17
CA LEU J 10 -22.95 10.24 -42.56
C LEU J 10 -24.38 10.71 -42.81
N SER J 11 -25.36 10.06 -42.18
CA SER J 11 -26.75 10.48 -42.33
C SER J 11 -26.96 11.89 -41.81
N ASP J 12 -26.38 12.20 -40.66
CA ASP J 12 -26.48 13.55 -40.12
C ASP J 12 -25.77 14.57 -41.01
N LEU J 13 -24.60 14.22 -41.54
CA LEU J 13 -23.89 15.11 -42.44
C LEU J 13 -24.72 15.41 -43.69
N ALA J 14 -25.35 14.37 -44.25
CA ALA J 14 -26.26 14.59 -45.36
C ALA J 14 -27.45 15.45 -44.95
N ARG J 15 -27.95 15.26 -43.73
CA ARG J 15 -29.02 16.10 -43.21
C ARG J 15 -28.56 17.54 -43.06
N ASP J 16 -27.33 17.76 -42.61
CA ASP J 16 -26.79 19.11 -42.42
C ASP J 16 -25.46 19.22 -43.13
N PRO J 17 -25.46 19.47 -44.43
CA PRO J 17 -24.22 19.62 -45.18
C PRO J 17 -23.48 20.88 -44.76
N PRO J 18 -22.15 20.89 -44.87
CA PRO J 18 -21.38 22.09 -44.52
C PRO J 18 -21.43 23.12 -45.65
N ALA J 19 -20.78 24.25 -45.39
CA ALA J 19 -20.75 25.34 -46.35
C ALA J 19 -19.55 25.25 -47.29
N GLN J 20 -18.34 25.28 -46.74
CA GLN J 20 -17.12 25.28 -47.55
C GLN J 20 -16.51 23.90 -47.70
N SER J 21 -16.72 23.01 -46.73
CA SER J 21 -16.14 21.68 -46.75
C SER J 21 -17.18 20.64 -47.12
N SER J 22 -16.70 19.48 -47.54
CA SER J 22 -17.57 18.35 -47.84
C SER J 22 -16.75 17.07 -47.75
N ALA J 23 -17.43 15.98 -47.44
CA ALA J 23 -16.75 14.71 -47.23
C ALA J 23 -17.75 13.58 -47.48
N GLY J 24 -17.42 12.40 -46.99
CA GLY J 24 -18.23 11.22 -47.19
C GLY J 24 -17.41 10.08 -47.74
N PRO J 25 -17.98 8.88 -47.75
CA PRO J 25 -17.29 7.76 -48.40
C PRO J 25 -17.23 7.96 -49.90
N VAL J 26 -16.15 7.48 -50.49
CA VAL J 26 -15.98 7.53 -51.94
C VAL J 26 -16.05 6.11 -52.47
N GLY J 27 -16.76 5.25 -51.74
CA GLY J 27 -16.90 3.87 -52.15
C GLY J 27 -17.75 3.13 -51.14
N ASP J 28 -17.84 1.81 -51.34
CA ASP J 28 -18.61 0.97 -50.43
C ASP J 28 -17.98 0.90 -49.05
N ASP J 29 -16.68 1.19 -48.94
CA ASP J 29 -16.01 1.12 -47.64
C ASP J 29 -16.33 2.37 -46.84
N MET J 30 -17.08 2.21 -45.75
CA MET J 30 -17.38 3.34 -44.88
C MET J 30 -16.16 3.76 -44.06
N PHE J 31 -15.14 2.91 -43.98
CA PHE J 31 -13.96 3.25 -43.20
C PHE J 31 -13.03 4.19 -43.94
N HIS J 32 -13.01 4.12 -45.26
CA HIS J 32 -12.15 4.97 -46.08
C HIS J 32 -13.00 6.05 -46.75
N TRP J 33 -12.73 7.29 -46.40
CA TRP J 33 -13.50 8.43 -46.90
C TRP J 33 -12.56 9.48 -47.49
N GLN J 34 -13.12 10.31 -48.35
CA GLN J 34 -12.41 11.46 -48.91
C GLN J 34 -13.13 12.74 -48.48
N ALA J 35 -12.37 13.71 -47.99
CA ALA J 35 -12.90 14.98 -47.55
C ALA J 35 -12.43 16.09 -48.46
N THR J 36 -13.35 16.94 -48.88
CA THR J 36 -13.06 18.05 -49.78
C THR J 36 -13.36 19.36 -49.06
N ILE J 37 -12.35 20.22 -48.94
CA ILE J 37 -12.49 21.48 -48.24
C ILE J 37 -12.01 22.60 -49.15
N MET J 38 -12.59 23.78 -48.96
CA MET J 38 -12.22 24.98 -49.68
C MET J 38 -11.42 25.92 -48.78
N GLY J 39 -10.57 26.72 -49.40
CA GLY J 39 -9.78 27.69 -48.69
C GLY J 39 -10.66 28.70 -47.99
N PRO J 40 -10.50 28.80 -46.67
CA PRO J 40 -11.30 29.77 -45.90
C PRO J 40 -11.02 31.18 -46.34
N ASN J 41 -12.05 32.01 -46.24
CA ASN J 41 -11.94 33.38 -46.69
C ASN J 41 -10.96 34.16 -45.82
N ASP J 42 -10.32 35.16 -46.42
CA ASP J 42 -9.29 35.97 -45.77
C ASP J 42 -8.11 35.11 -45.31
N SER J 43 -7.76 34.10 -46.11
CA SER J 43 -6.60 33.26 -45.86
C SER J 43 -5.77 33.15 -47.12
N PRO J 44 -4.46 32.92 -47.00
CA PRO J 44 -3.65 32.67 -48.19
C PRO J 44 -4.11 31.47 -48.98
N TYR J 45 -4.72 30.49 -48.33
CA TYR J 45 -5.24 29.30 -49.01
C TYR J 45 -6.59 29.53 -49.64
N GLN J 46 -7.18 30.70 -49.48
CA GLN J 46 -8.50 30.97 -50.04
C GLN J 46 -8.47 30.81 -51.56
N GLY J 47 -9.53 30.21 -52.10
CA GLY J 47 -9.64 29.92 -53.50
C GLY J 47 -9.34 28.49 -53.85
N GLY J 48 -8.31 27.90 -53.24
CA GLY J 48 -7.98 26.51 -53.49
C GLY J 48 -8.90 25.56 -52.76
N VAL J 49 -9.07 24.37 -53.33
CA VAL J 49 -9.90 23.32 -52.76
C VAL J 49 -9.01 22.14 -52.45
N PHE J 50 -9.02 21.69 -51.20
CA PHE J 50 -8.16 20.61 -50.75
C PHE J 50 -8.96 19.32 -50.59
N PHE J 51 -8.36 18.21 -51.02
CA PHE J 51 -8.95 16.89 -50.87
C PHE J 51 -8.20 16.13 -49.79
N LEU J 52 -8.94 15.49 -48.89
CA LEU J 52 -8.36 14.78 -47.77
C LEU J 52 -8.73 13.32 -47.84
N THR J 53 -7.96 12.50 -47.13
CA THR J 53 -8.19 11.07 -47.02
C THR J 53 -8.59 10.73 -45.58
N ILE J 54 -9.39 9.68 -45.44
CA ILE J 54 -9.85 9.22 -44.15
C ILE J 54 -9.70 7.70 -44.09
N HIS J 55 -9.21 7.19 -42.97
CA HIS J 55 -9.21 5.76 -42.69
C HIS J 55 -9.72 5.56 -41.27
N PHE J 56 -10.92 5.04 -41.15
CA PHE J 56 -11.50 4.83 -39.83
C PHE J 56 -10.94 3.57 -39.20
N PRO J 57 -10.29 3.66 -38.04
CA PRO J 57 -9.96 2.45 -37.28
C PRO J 57 -11.23 1.79 -36.77
N THR J 58 -11.12 0.49 -36.53
CA THR J 58 -12.29 -0.31 -36.15
C THR J 58 -12.60 -0.21 -34.66
N ASP J 59 -12.69 1.04 -34.17
CA ASP J 59 -13.16 1.29 -32.81
C ASP J 59 -13.98 2.57 -32.70
N TYR J 60 -14.27 3.25 -33.79
CA TYR J 60 -14.99 4.52 -33.80
C TYR J 60 -16.34 4.36 -33.12
N PRO J 61 -16.83 5.38 -32.39
CA PRO J 61 -16.25 6.72 -32.22
C PRO J 61 -15.23 6.83 -31.09
N PHE J 62 -14.76 5.70 -30.59
CA PHE J 62 -13.88 5.71 -29.42
C PHE J 62 -12.41 5.80 -29.78
N LYS J 63 -12.08 5.91 -31.06
CA LYS J 63 -10.71 6.19 -31.47
C LYS J 63 -10.71 7.21 -32.59
N PRO J 64 -9.67 8.06 -32.66
CA PRO J 64 -9.63 9.06 -33.71
C PRO J 64 -9.41 8.42 -35.07
N PRO J 65 -9.93 9.02 -36.13
CA PRO J 65 -9.71 8.48 -37.48
C PRO J 65 -8.35 8.83 -38.03
N LYS J 66 -7.92 8.06 -39.03
CA LYS J 66 -6.69 8.33 -39.75
C LYS J 66 -7.01 9.26 -40.91
N VAL J 67 -6.74 10.55 -40.72
CA VAL J 67 -7.08 11.57 -41.70
C VAL J 67 -5.83 12.38 -42.01
N ALA J 68 -5.59 12.63 -43.29
CA ALA J 68 -4.45 13.42 -43.75
C ALA J 68 -4.83 14.15 -45.03
N PHE J 69 -3.91 14.98 -45.50
CA PHE J 69 -4.13 15.74 -46.73
C PHE J 69 -3.70 14.94 -47.95
N THR J 70 -4.55 14.95 -48.98
CA THR J 70 -4.17 14.48 -50.30
C THR J 70 -3.83 15.63 -51.23
N THR J 71 -3.86 16.86 -50.72
CA THR J 71 -3.52 18.05 -51.49
C THR J 71 -2.28 18.68 -50.88
N ARG J 72 -1.27 18.92 -51.72
CA ARG J 72 -0.06 19.57 -51.25
C ARG J 72 -0.38 21.00 -50.81
N ILE J 73 0.16 21.38 -49.66
CA ILE J 73 -0.17 22.66 -49.03
C ILE J 73 1.06 23.17 -48.30
N TYR J 74 1.06 24.44 -47.95
CA TYR J 74 2.15 25.09 -47.24
C TYR J 74 1.63 25.50 -45.86
N HIS J 75 1.91 24.68 -44.85
CA HIS J 75 1.43 24.93 -43.50
C HIS J 75 2.44 24.38 -42.50
N PRO J 76 2.73 25.11 -41.42
CA PRO J 76 3.73 24.63 -40.46
C PRO J 76 3.33 23.35 -39.77
N ASN J 77 2.09 23.33 -39.26
CA ASN J 77 1.57 22.17 -38.54
C ASN J 77 1.21 21.02 -39.45
N ILE J 78 1.59 21.08 -40.73
CA ILE J 78 1.33 20.03 -41.69
C ILE J 78 2.64 19.65 -42.37
N ASN J 79 2.89 18.35 -42.46
CA ASN J 79 4.11 17.86 -43.08
C ASN J 79 3.94 17.77 -44.60
N SER J 80 5.01 17.36 -45.28
CA SER J 80 4.93 17.13 -46.72
C SER J 80 4.08 15.92 -47.06
N ASN J 81 3.84 15.03 -46.09
CA ASN J 81 3.01 13.85 -46.32
C ASN J 81 1.53 14.14 -46.19
N GLY J 82 1.15 15.38 -45.86
CA GLY J 82 -0.24 15.73 -45.69
C GLY J 82 -0.81 15.44 -44.32
N SER J 83 -0.02 14.93 -43.40
CA SER J 83 -0.49 14.64 -42.06
C SER J 83 -0.79 15.95 -41.32
N ILE J 84 -1.72 15.85 -40.37
CA ILE J 84 -2.21 17.01 -39.63
C ILE J 84 -1.91 16.79 -38.16
N CYS J 85 -1.22 17.74 -37.54
CA CYS J 85 -0.91 17.70 -36.12
C CYS J 85 -1.99 18.45 -35.36
N LEU J 86 -2.99 17.72 -34.86
CA LEU J 86 -4.11 18.33 -34.17
C LEU J 86 -4.47 17.49 -32.95
N ASP J 87 -4.80 18.19 -31.85
CA ASP J 87 -5.04 17.50 -30.58
C ASP J 87 -6.25 16.57 -30.66
N ILE J 88 -7.34 17.00 -31.29
CA ILE J 88 -8.52 16.14 -31.38
C ILE J 88 -8.25 14.90 -32.20
N LEU J 89 -7.17 14.91 -32.99
CA LEU J 89 -6.74 13.73 -33.71
C LEU J 89 -5.69 12.93 -32.96
N ARG J 90 -5.04 13.54 -31.96
CA ARG J 90 -3.98 12.87 -31.21
C ARG J 90 -4.35 12.67 -29.75
N SER J 91 -4.70 13.74 -29.05
CA SER J 91 -4.99 13.68 -27.61
C SER J 91 -6.41 14.14 -27.28
N GLN J 92 -6.87 15.22 -27.89
CA GLN J 92 -8.19 15.76 -27.58
C GLN J 92 -9.31 14.99 -28.25
N TRP J 93 -9.06 13.75 -28.67
CA TRP J 93 -10.13 12.94 -29.24
C TRP J 93 -11.18 12.66 -28.18
N SER J 94 -12.45 12.76 -28.58
CA SER J 94 -13.56 12.42 -27.73
C SER J 94 -14.63 11.82 -28.61
N PRO J 95 -15.33 10.78 -28.15
CA PRO J 95 -16.34 10.14 -29.00
C PRO J 95 -17.58 11.00 -29.20
N ALA J 96 -17.60 12.18 -28.59
CA ALA J 96 -18.79 13.04 -28.58
C ALA J 96 -18.65 14.26 -29.47
N LEU J 97 -17.83 14.20 -30.51
CA LEU J 97 -17.70 15.29 -31.46
C LEU J 97 -17.95 14.78 -32.87
N THR J 98 -18.28 15.71 -33.77
CA THR J 98 -18.63 15.38 -35.14
C THR J 98 -17.49 15.76 -36.07
N ILE J 99 -17.53 15.18 -37.27
CA ILE J 99 -16.48 15.42 -38.25
C ILE J 99 -16.49 16.86 -38.74
N SER J 100 -17.66 17.50 -38.74
CA SER J 100 -17.74 18.90 -39.15
C SER J 100 -16.90 19.77 -38.24
N LYS J 101 -16.94 19.53 -36.93
CA LYS J 101 -16.08 20.26 -36.01
C LYS J 101 -14.61 20.03 -36.32
N VAL J 102 -14.26 18.81 -36.72
CA VAL J 102 -12.88 18.51 -37.08
C VAL J 102 -12.47 19.34 -38.29
N LEU J 103 -13.33 19.41 -39.31
CA LEU J 103 -13.01 20.19 -40.49
C LEU J 103 -12.90 21.67 -40.17
N LEU J 104 -13.80 22.17 -39.33
CA LEU J 104 -13.71 23.58 -38.92
C LEU J 104 -12.41 23.85 -38.17
N SER J 105 -12.00 22.93 -37.31
CA SER J 105 -10.72 23.07 -36.63
C SER J 105 -9.56 23.06 -37.61
N ILE J 106 -9.64 22.20 -38.64
CA ILE J 106 -8.59 22.16 -39.66
C ILE J 106 -8.51 23.49 -40.38
N SER J 107 -9.67 24.04 -40.77
CA SER J 107 -9.68 25.34 -41.41
C SER J 107 -9.14 26.43 -40.50
N SER J 108 -9.46 26.36 -39.21
CA SER J 108 -8.93 27.32 -38.26
C SER J 108 -7.41 27.24 -38.18
N LEU J 109 -6.86 26.03 -38.12
CA LEU J 109 -5.41 25.86 -38.11
C LEU J 109 -4.79 26.33 -39.41
N LEU J 110 -5.50 26.19 -40.52
CA LEU J 110 -5.05 26.77 -41.78
C LEU J 110 -4.98 28.30 -41.67
N SER J 111 -5.99 28.91 -41.04
CA SER J 111 -5.94 30.34 -40.78
C SER J 111 -5.01 30.67 -39.62
N ASP J 112 -4.91 29.77 -38.63
CA ASP J 112 -4.11 29.98 -37.44
C ASP J 112 -3.15 28.81 -37.26
N PRO J 113 -2.03 28.80 -38.00
CA PRO J 113 -1.01 27.79 -37.75
C PRO J 113 -0.39 27.95 -36.36
N ASN J 114 0.03 26.83 -35.79
CA ASN J 114 0.65 26.83 -34.46
C ASN J 114 2.13 26.48 -34.62
N PRO J 115 3.04 27.46 -34.58
CA PRO J 115 4.47 27.16 -34.72
C PRO J 115 5.09 26.52 -33.50
N ASP J 116 4.37 26.46 -32.37
CA ASP J 116 4.91 25.81 -31.18
C ASP J 116 5.14 24.33 -31.43
N ASP J 117 4.22 23.67 -32.12
CA ASP J 117 4.35 22.26 -32.48
C ASP J 117 4.06 22.09 -33.96
N PRO J 118 5.00 22.49 -34.81
CA PRO J 118 4.78 22.37 -36.26
C PRO J 118 5.13 20.99 -36.77
N LEU J 119 5.00 20.79 -38.08
CA LEU J 119 5.50 19.57 -38.72
C LEU J 119 6.67 19.81 -39.66
N VAL J 120 6.83 21.03 -40.15
CA VAL J 120 7.99 21.43 -40.94
C VAL J 120 8.65 22.60 -40.24
N PRO J 121 9.88 22.45 -39.73
CA PRO J 121 10.52 23.55 -39.00
C PRO J 121 10.68 24.81 -39.81
N GLU J 122 10.99 24.69 -41.11
CA GLU J 122 11.20 25.88 -41.94
C GLU J 122 9.93 26.69 -42.09
N ILE J 123 8.78 26.03 -42.28
CA ILE J 123 7.52 26.76 -42.42
C ILE J 123 7.18 27.47 -41.14
N ALA J 124 7.42 26.84 -39.99
CA ALA J 124 7.21 27.52 -38.71
C ALA J 124 8.14 28.72 -38.56
N ARG J 125 9.40 28.56 -38.96
CA ARG J 125 10.34 29.68 -38.91
C ARG J 125 9.87 30.84 -39.76
N ILE J 126 9.38 30.57 -40.96
CA ILE J 126 8.87 31.62 -41.83
C ILE J 126 7.63 32.27 -41.21
N TYR J 127 6.72 31.45 -40.67
CA TYR J 127 5.49 31.99 -40.09
C TYR J 127 5.78 32.88 -38.90
N LYS J 128 6.76 32.51 -38.07
CA LYS J 128 7.12 33.35 -36.94
C LYS J 128 7.89 34.59 -37.38
N THR J 129 8.78 34.45 -38.35
CA THR J 129 9.69 35.52 -38.73
C THR J 129 9.09 36.50 -39.74
N ASP J 130 8.38 35.99 -40.75
CA ASP J 130 7.80 36.85 -41.78
C ASP J 130 6.40 36.32 -42.09
N ARG J 131 5.39 36.91 -41.45
CA ARG J 131 4.01 36.53 -41.71
C ARG J 131 3.62 36.81 -43.15
N ASP J 132 4.08 37.94 -43.70
CA ASP J 132 3.79 38.26 -45.10
C ASP J 132 4.39 37.23 -46.03
N LYS J 133 5.62 36.79 -45.76
CA LYS J 133 6.24 35.75 -46.59
C LYS J 133 5.46 34.46 -46.53
N TYR J 134 5.00 34.06 -45.33
CA TYR J 134 4.17 32.87 -45.22
C TYR J 134 2.87 33.02 -45.99
N ASN J 135 2.22 34.18 -45.88
CA ASN J 135 0.99 34.40 -46.62
C ASN J 135 1.21 34.37 -48.12
N ARG J 136 2.33 34.89 -48.60
CA ARG J 136 2.64 34.82 -50.02
C ARG J 136 2.88 33.39 -50.46
N ILE J 137 3.72 32.66 -49.72
CA ILE J 137 4.09 31.31 -50.16
C ILE J 137 2.91 30.36 -50.08
N SER J 138 2.11 30.46 -49.02
CA SER J 138 0.91 29.62 -48.93
C SER J 138 -0.04 29.90 -50.08
N ARG J 139 -0.23 31.17 -50.43
CA ARG J 139 -1.06 31.52 -51.57
C ARG J 139 -0.48 31.00 -52.88
N GLU J 140 0.84 31.11 -53.07
CA GLU J 140 1.47 30.62 -54.28
C GLU J 140 1.27 29.13 -54.44
N TRP J 141 1.49 28.37 -53.36
CA TRP J 141 1.31 26.93 -53.42
C TRP J 141 -0.15 26.53 -53.53
N THR J 142 -1.07 27.31 -52.94
CA THR J 142 -2.48 27.06 -53.14
C THR J 142 -2.86 27.21 -54.60
N GLN J 143 -2.35 28.27 -55.25
CA GLN J 143 -2.57 28.45 -56.67
C GLN J 143 -1.91 27.35 -57.49
N LYS J 144 -0.73 26.88 -57.08
CA LYS J 144 0.01 25.91 -57.85
C LYS J 144 -0.58 24.50 -57.77
N TYR J 145 -1.09 24.11 -56.61
CA TYR J 145 -1.60 22.76 -56.43
C TYR J 145 -3.08 22.72 -56.05
N ALA J 146 -3.49 23.48 -55.03
CA ALA J 146 -4.88 23.50 -54.62
C ALA J 146 -5.77 24.20 -55.63
N MET J 147 -5.19 24.94 -56.58
CA MET J 147 -5.94 25.50 -57.68
C MET J 147 -5.46 24.89 -58.98
N LEU K 3 -37.29 11.05 -14.32
CA LEU K 3 -35.95 11.18 -13.72
C LEU K 3 -34.83 10.91 -14.75
N PRO K 4 -34.94 9.86 -15.56
CA PRO K 4 -33.85 9.62 -16.54
C PRO K 4 -33.60 10.76 -17.54
N LYS K 5 -34.61 11.47 -18.07
CA LYS K 5 -36.06 11.23 -17.98
C LYS K 5 -36.48 10.30 -19.12
N ASP K 6 -37.58 9.55 -18.97
CA ASP K 6 -38.53 9.65 -17.87
C ASP K 6 -39.09 8.28 -17.53
N ALA K 7 -40.22 8.26 -16.82
CA ALA K 7 -40.91 7.00 -16.55
C ALA K 7 -41.29 6.30 -17.86
N ILE K 8 -41.49 7.07 -18.92
CA ILE K 8 -41.69 6.51 -20.25
C ILE K 8 -40.61 7.09 -21.15
N PRO K 9 -39.42 6.48 -21.19
CA PRO K 9 -38.33 7.00 -22.01
C PRO K 9 -38.51 6.66 -23.48
N SER K 10 -39.23 7.51 -24.22
CA SER K 10 -39.38 7.30 -25.66
C SER K 10 -38.03 7.00 -26.31
N LEU K 11 -38.08 6.17 -27.36
CA LEU K 11 -36.91 5.55 -27.97
C LEU K 11 -35.73 6.49 -28.16
N SER K 12 -36.00 7.75 -28.53
CA SER K 12 -34.94 8.73 -28.70
C SER K 12 -34.12 8.93 -27.43
N GLU K 13 -34.77 8.89 -26.27
CA GLU K 13 -34.05 8.94 -25.00
C GLU K 13 -33.64 7.55 -24.53
N CYS K 14 -34.48 6.55 -24.79
CA CYS K 14 -34.18 5.18 -24.40
C CYS K 14 -32.99 4.61 -25.15
N GLN K 15 -32.58 5.23 -26.25
CA GLN K 15 -31.35 4.79 -26.92
C GLN K 15 -30.14 5.37 -26.21
N CYS K 16 -29.01 4.67 -26.35
CA CYS K 16 -27.77 5.14 -25.75
C CYS K 16 -27.32 6.43 -26.40
N GLY K 17 -26.68 7.29 -25.60
CA GLY K 17 -26.13 8.53 -26.13
C GLY K 17 -24.92 8.35 -27.00
N ILE K 18 -24.34 7.15 -27.04
CA ILE K 18 -23.13 6.91 -27.82
C ILE K 18 -23.40 5.85 -28.88
N CYS K 19 -23.71 4.64 -28.45
CA CYS K 19 -23.97 3.55 -29.39
C CYS K 19 -25.30 3.71 -30.12
N MET K 20 -26.16 4.62 -29.66
CA MET K 20 -27.45 4.95 -30.26
C MET K 20 -28.39 3.76 -30.34
N GLU K 21 -28.00 2.60 -29.81
CA GLU K 21 -28.90 1.47 -29.70
C GLU K 21 -29.70 1.57 -28.40
N ILE K 22 -30.67 0.67 -28.26
CA ILE K 22 -31.49 0.65 -27.05
C ILE K 22 -30.60 0.47 -25.83
N LEU K 23 -30.91 1.21 -24.76
CA LEU K 23 -30.09 1.19 -23.56
C LEU K 23 -30.12 -0.20 -22.92
N VAL K 24 -28.96 -0.85 -22.87
CA VAL K 24 -28.82 -2.15 -22.24
C VAL K 24 -28.04 -1.96 -20.95
N GLU K 25 -28.70 -2.19 -19.82
CA GLU K 25 -28.14 -2.02 -18.49
C GLU K 25 -27.53 -0.63 -18.34
N PRO K 26 -28.31 0.44 -18.47
CA PRO K 26 -27.73 1.78 -18.41
C PRO K 26 -27.12 2.09 -17.05
N VAL K 27 -26.04 2.85 -17.07
CA VAL K 27 -25.32 3.23 -15.86
C VAL K 27 -25.37 4.75 -15.75
N THR K 28 -25.89 5.25 -14.64
CA THR K 28 -26.00 6.68 -14.43
C THR K 28 -24.72 7.20 -13.80
N LEU K 29 -24.04 8.10 -14.51
CA LEU K 29 -22.81 8.71 -14.03
C LEU K 29 -23.12 9.73 -12.95
N PRO K 30 -22.12 10.10 -12.14
CA PRO K 30 -22.32 11.21 -11.21
C PRO K 30 -22.66 12.52 -11.90
N CYS K 31 -22.24 12.70 -13.15
CA CYS K 31 -22.69 13.81 -13.97
C CYS K 31 -24.06 13.55 -14.60
N ASN K 32 -24.80 12.58 -14.06
CA ASN K 32 -26.19 12.31 -14.43
C ASN K 32 -26.33 11.89 -15.88
N HIS K 33 -25.22 11.62 -16.55
CA HIS K 33 -25.28 11.11 -17.91
C HIS K 33 -25.59 9.62 -17.90
N THR K 34 -26.39 9.19 -18.86
CA THR K 34 -26.87 7.82 -18.92
C THR K 34 -26.38 7.19 -20.21
N LEU K 35 -25.64 6.09 -20.10
CA LEU K 35 -25.19 5.32 -21.24
C LEU K 35 -25.24 3.84 -20.89
N CYS K 36 -25.32 3.01 -21.92
CA CYS K 36 -25.50 1.59 -21.72
C CYS K 36 -24.26 0.97 -21.10
N LYS K 37 -24.45 -0.21 -20.51
CA LYS K 37 -23.32 -0.95 -19.96
C LYS K 37 -22.24 -1.26 -20.98
N PRO K 38 -22.53 -1.67 -22.21
CA PRO K 38 -21.43 -1.88 -23.17
C PRO K 38 -20.64 -0.62 -23.46
N CYS K 39 -21.30 0.49 -23.81
CA CYS K 39 -20.57 1.71 -24.12
C CYS K 39 -19.78 2.20 -22.91
N PHE K 40 -20.37 2.09 -21.72
CA PHE K 40 -19.66 2.49 -20.51
C PHE K 40 -18.43 1.63 -20.27
N GLN K 41 -18.60 0.31 -20.27
CA GLN K 41 -17.51 -0.61 -20.02
C GLN K 41 -16.46 -0.58 -21.12
N SER K 42 -16.77 0.02 -22.27
CA SER K 42 -15.76 0.27 -23.30
C SER K 42 -15.02 1.57 -23.03
N THR K 43 -15.75 2.69 -22.95
CA THR K 43 -15.15 4.00 -22.87
C THR K 43 -14.48 4.27 -21.52
N VAL K 44 -14.72 3.45 -20.51
CA VAL K 44 -14.07 3.67 -19.22
C VAL K 44 -12.57 3.48 -19.39
N GLU K 45 -12.15 2.27 -19.73
CA GLU K 45 -10.72 2.01 -19.88
C GLU K 45 -10.26 2.22 -21.31
N LYS K 46 -11.17 2.63 -22.19
CA LYS K 46 -10.80 2.80 -23.59
C LYS K 46 -9.89 3.99 -23.82
N ALA K 47 -10.30 5.20 -23.43
CA ALA K 47 -9.54 6.40 -23.79
C ALA K 47 -8.97 7.13 -22.59
N SER K 48 -9.79 7.67 -21.69
CA SER K 48 -9.23 8.54 -20.66
C SER K 48 -9.94 8.51 -19.31
N LEU K 49 -10.86 7.57 -19.11
CA LEU K 49 -11.60 7.46 -17.86
C LEU K 49 -12.43 8.70 -17.58
N CYS K 50 -12.53 9.61 -18.55
CA CYS K 50 -13.28 10.84 -18.34
C CYS K 50 -14.69 10.68 -18.87
N CYS K 51 -15.50 11.70 -18.63
CA CYS K 51 -16.84 11.71 -19.20
C CYS K 51 -16.77 12.20 -20.64
N PRO K 52 -17.24 11.43 -21.61
CA PRO K 52 -17.22 11.90 -23.00
C PRO K 52 -18.04 13.16 -23.22
N PHE K 53 -19.06 13.39 -22.38
CA PHE K 53 -19.96 14.51 -22.59
C PHE K 53 -19.43 15.81 -22.00
N CYS K 54 -19.11 15.83 -20.71
CA CYS K 54 -18.72 17.06 -20.02
C CYS K 54 -17.38 16.90 -19.33
N ARG K 55 -16.53 16.01 -19.84
CA ARG K 55 -15.15 15.81 -19.41
C ARG K 55 -15.03 15.44 -17.92
N ARG K 56 -16.14 15.13 -17.25
CA ARG K 56 -16.13 14.87 -15.83
C ARG K 56 -15.27 13.64 -15.51
N ARG K 57 -14.38 13.78 -14.54
CA ARG K 57 -13.67 12.61 -14.03
C ARG K 57 -14.64 11.74 -13.23
N VAL K 58 -14.54 10.43 -13.45
CA VAL K 58 -15.49 9.49 -12.86
C VAL K 58 -14.73 8.37 -12.15
N SER K 59 -13.40 8.48 -12.11
CA SER K 59 -12.58 7.41 -11.57
C SER K 59 -12.93 7.08 -10.13
N SER K 60 -13.08 8.10 -9.28
CA SER K 60 -13.47 7.86 -7.91
C SER K 60 -14.87 7.27 -7.81
N TRP K 61 -15.82 7.81 -8.57
CA TRP K 61 -17.16 7.26 -8.59
C TRP K 61 -17.15 5.83 -9.11
N THR K 62 -16.38 5.57 -10.16
CA THR K 62 -16.32 4.23 -10.74
C THR K 62 -15.76 3.23 -9.75
N ARG K 63 -14.66 3.57 -9.07
CA ARG K 63 -14.10 2.66 -8.09
C ARG K 63 -14.99 2.51 -6.87
N TYR K 64 -15.73 3.57 -6.50
CA TYR K 64 -16.69 3.47 -5.41
C TYR K 64 -17.78 2.46 -5.75
N HIS K 65 -18.32 2.53 -6.97
CA HIS K 65 -19.45 1.69 -7.32
C HIS K 65 -19.07 0.29 -7.76
N THR K 66 -17.84 0.09 -8.24
CA THR K 66 -17.45 -1.24 -8.71
C THR K 66 -17.38 -2.24 -7.58
N ARG K 67 -16.86 -1.83 -6.42
CA ARG K 67 -16.75 -2.75 -5.29
C ARG K 67 -18.12 -3.23 -4.82
N ARG K 68 -19.10 -2.33 -4.79
CA ARG K 68 -20.44 -2.66 -4.30
C ARG K 68 -21.37 -3.13 -5.41
N ASN K 69 -20.91 -3.15 -6.67
CA ASN K 69 -21.73 -3.54 -7.80
C ASN K 69 -22.99 -2.67 -7.91
N SER K 70 -22.83 -1.38 -7.66
CA SER K 70 -23.92 -0.41 -7.72
C SER K 70 -23.88 0.36 -9.03
N LEU K 71 -23.16 -0.16 -10.02
CA LEU K 71 -22.97 0.57 -11.27
C LEU K 71 -24.27 0.70 -12.05
N VAL K 72 -24.98 -0.41 -12.25
CA VAL K 72 -26.13 -0.42 -13.15
C VAL K 72 -27.30 0.28 -12.49
N ASN K 73 -27.90 1.24 -13.19
CA ASN K 73 -29.07 1.96 -12.70
C ASN K 73 -30.25 1.00 -12.72
N VAL K 74 -30.57 0.43 -11.55
CA VAL K 74 -31.62 -0.59 -11.47
C VAL K 74 -32.97 -0.02 -11.84
N GLU K 75 -33.28 1.21 -11.39
CA GLU K 75 -34.62 1.77 -11.63
C GLU K 75 -34.90 1.95 -13.11
N LEU K 76 -34.00 2.62 -13.83
CA LEU K 76 -34.21 2.85 -15.25
C LEU K 76 -34.10 1.55 -16.04
N TRP K 77 -33.20 0.66 -15.64
CA TRP K 77 -33.07 -0.63 -16.31
C TRP K 77 -34.32 -1.47 -16.17
N THR K 78 -35.03 -1.37 -15.04
CA THR K 78 -36.31 -2.04 -14.89
C THR K 78 -37.41 -1.33 -15.67
N ILE K 79 -37.38 0.01 -15.67
CA ILE K 79 -38.39 0.78 -16.40
C ILE K 79 -38.34 0.46 -17.88
N ILE K 80 -37.14 0.36 -18.44
CA ILE K 80 -37.00 0.04 -19.86
C ILE K 80 -37.59 -1.33 -20.16
N GLN K 81 -37.36 -2.31 -19.29
CA GLN K 81 -37.90 -3.65 -19.52
C GLN K 81 -39.42 -3.67 -19.50
N LYS K 82 -40.06 -2.73 -18.79
CA LYS K 82 -41.52 -2.72 -18.73
C LYS K 82 -42.14 -2.21 -20.02
N HIS K 83 -41.51 -1.22 -20.66
CA HIS K 83 -42.06 -0.63 -21.87
C HIS K 83 -41.29 -0.98 -23.14
N TYR K 84 -40.06 -1.46 -23.01
CA TYR K 84 -39.25 -1.83 -24.16
C TYR K 84 -38.64 -3.21 -23.95
N PRO K 85 -38.32 -3.94 -25.04
CA PRO K 85 -37.74 -5.29 -24.92
C PRO K 85 -36.42 -5.30 -24.16
N MET L 1 4.70 -12.33 -56.25
CA MET L 1 5.43 -12.90 -55.13
C MET L 1 4.73 -12.59 -53.81
N GLN L 2 5.37 -12.97 -52.72
CA GLN L 2 4.89 -12.67 -51.38
C GLN L 2 5.86 -11.76 -50.67
N ILE L 3 5.32 -10.87 -49.83
CA ILE L 3 6.14 -9.92 -49.08
C ILE L 3 5.60 -9.85 -47.65
N PHE L 4 6.50 -9.91 -46.68
CA PHE L 4 6.14 -9.85 -45.27
C PHE L 4 6.62 -8.55 -44.65
N VAL L 5 5.78 -7.94 -43.83
CA VAL L 5 6.10 -6.70 -43.14
C VAL L 5 5.90 -6.93 -41.65
N LYS L 6 6.93 -6.64 -40.86
CA LYS L 6 6.87 -6.81 -39.42
C LYS L 6 7.25 -5.52 -38.70
N THR L 12 0.35 -6.75 -39.76
CA THR L 12 1.01 -7.47 -40.84
C THR L 12 0.00 -7.93 -41.88
N ILE L 13 0.07 -7.34 -43.07
CA ILE L 13 -0.84 -7.64 -44.17
C ILE L 13 -0.01 -8.24 -45.29
N THR L 14 -0.28 -9.50 -45.62
CA THR L 14 0.44 -10.23 -46.65
C THR L 14 -0.57 -10.76 -47.66
N LEU L 15 -0.22 -10.70 -48.95
CA LEU L 15 1.07 -10.22 -49.43
C LEU L 15 0.90 -8.97 -50.28
N GLU L 16 1.98 -8.55 -50.95
CA GLU L 16 1.97 -7.27 -51.64
C GLU L 16 2.54 -7.34 -53.05
N VAL L 17 2.90 -6.19 -53.60
CA VAL L 17 3.27 -6.00 -54.99
C VAL L 17 4.39 -6.93 -55.43
N GLU L 18 4.44 -7.23 -56.72
CA GLU L 18 5.57 -7.91 -57.32
C GLU L 18 6.82 -7.05 -57.16
N PRO L 19 8.02 -7.61 -57.45
CA PRO L 19 9.26 -6.81 -57.42
C PRO L 19 9.29 -5.74 -58.52
N SER L 20 8.25 -4.90 -58.54
CA SER L 20 8.10 -3.88 -59.58
C SER L 20 7.72 -2.51 -59.06
N ASP L 21 7.37 -2.35 -57.79
CA ASP L 21 6.93 -1.08 -57.24
C ASP L 21 7.89 -0.61 -56.16
N THR L 22 8.20 0.69 -56.17
CA THR L 22 9.14 1.26 -55.22
C THR L 22 8.53 1.28 -53.82
N ILE L 23 9.29 1.85 -52.88
CA ILE L 23 8.84 1.93 -51.50
C ILE L 23 7.61 2.83 -51.38
N GLU L 24 7.54 3.89 -52.17
CA GLU L 24 6.42 4.81 -52.08
C GLU L 24 5.09 4.13 -52.41
N ASN L 25 5.06 3.32 -53.47
CA ASN L 25 3.81 2.64 -53.83
C ASN L 25 3.44 1.57 -52.81
N VAL L 26 4.43 0.88 -52.24
CA VAL L 26 4.15 -0.09 -51.20
C VAL L 26 3.55 0.61 -49.98
N LYS L 27 4.13 1.74 -49.58
CA LYS L 27 3.59 2.49 -48.44
C LYS L 27 2.18 3.01 -48.73
N ALA L 28 1.92 3.48 -49.95
CA ALA L 28 0.58 3.94 -50.29
C ALA L 28 -0.43 2.81 -50.19
N LYS L 29 -0.10 1.62 -50.71
CA LYS L 29 -0.99 0.49 -50.59
C LYS L 29 -1.17 0.02 -49.15
N ILE L 30 -0.12 0.09 -48.34
CA ILE L 30 -0.26 -0.23 -46.92
C ILE L 30 -1.24 0.74 -46.26
N GLN L 31 -1.11 2.03 -46.56
CA GLN L 31 -2.04 3.01 -46.01
C GLN L 31 -3.47 2.75 -46.47
N ASP L 32 -3.64 2.38 -47.74
CA ASP L 32 -4.98 2.09 -48.25
C ASP L 32 -5.58 0.86 -47.57
N LYS L 33 -4.77 -0.17 -47.35
CA LYS L 33 -5.27 -1.43 -46.82
C LYS L 33 -5.41 -1.45 -45.30
N GLU L 34 -4.73 -0.57 -44.59
CA GLU L 34 -4.80 -0.56 -43.13
C GLU L 34 -5.14 0.80 -42.54
N GLY L 35 -4.65 1.89 -43.13
CA GLY L 35 -4.80 3.21 -42.56
C GLY L 35 -3.56 3.76 -41.90
N ILE L 36 -2.53 2.94 -41.72
CA ILE L 36 -1.26 3.42 -41.17
C ILE L 36 -0.63 4.40 -42.16
N PRO L 37 -0.11 5.54 -41.70
CA PRO L 37 0.41 6.53 -42.63
C PRO L 37 1.56 5.95 -43.45
N PRO L 38 1.67 6.34 -44.72
CA PRO L 38 2.79 5.83 -45.53
C PRO L 38 4.14 6.24 -44.99
N ASP L 39 4.34 7.54 -44.72
CA ASP L 39 5.62 8.02 -44.22
C ASP L 39 5.87 7.63 -42.77
N GLN L 40 4.84 7.25 -42.02
CA GLN L 40 5.00 6.84 -40.63
C GLN L 40 5.11 5.32 -40.57
N GLN L 41 6.25 4.83 -40.09
CA GLN L 41 7.34 5.70 -39.66
C GLN L 41 8.52 5.60 -40.61
N ARG L 42 8.78 4.38 -41.08
CA ARG L 42 9.88 4.11 -41.99
C ARG L 42 9.73 2.71 -42.55
N LEU L 43 10.72 2.29 -43.33
CA LEU L 43 10.81 0.93 -43.85
C LEU L 43 12.20 0.42 -43.54
N ILE L 44 12.29 -0.67 -42.78
CA ILE L 44 13.56 -1.24 -42.34
C ILE L 44 13.68 -2.65 -42.87
N PHE L 45 14.83 -2.96 -43.48
CA PHE L 45 15.10 -4.28 -43.99
C PHE L 45 16.60 -4.58 -43.97
N ASP L 52 11.68 5.22 -49.80
CA ASP L 52 10.81 5.97 -50.71
C ASP L 52 11.16 5.67 -52.16
N GLY L 53 12.11 6.44 -52.70
CA GLY L 53 12.49 6.29 -54.09
C GLY L 53 13.17 4.97 -54.39
N ARG L 54 13.65 4.27 -53.37
CA ARG L 54 14.25 2.97 -53.59
C ARG L 54 13.18 1.95 -53.97
N THR L 55 13.62 0.88 -54.64
CA THR L 55 12.74 -0.18 -55.08
C THR L 55 13.01 -1.43 -54.26
N LEU L 56 12.35 -2.53 -54.63
CA LEU L 56 12.61 -3.82 -54.00
C LEU L 56 13.80 -4.53 -54.61
N SER L 57 13.99 -4.43 -55.93
CA SER L 57 15.14 -5.06 -56.57
C SER L 57 16.43 -4.31 -56.26
N ASP L 58 16.34 -3.01 -55.98
CA ASP L 58 17.52 -2.24 -55.59
C ASP L 58 18.13 -2.78 -54.30
N TYR L 59 17.29 -3.13 -53.33
CA TYR L 59 17.73 -3.80 -52.13
C TYR L 59 17.87 -5.30 -52.30
N ASN L 60 17.56 -5.81 -53.50
CA ASN L 60 17.58 -7.24 -53.79
C ASN L 60 16.65 -7.99 -52.82
N ILE L 61 15.39 -7.57 -52.79
CA ILE L 61 14.40 -8.14 -51.89
C ILE L 61 13.72 -9.28 -52.61
N GLN L 62 13.87 -10.50 -52.07
CA GLN L 62 13.28 -11.70 -52.63
C GLN L 62 11.86 -11.87 -52.09
N LYS L 63 11.17 -12.89 -52.57
CA LYS L 63 9.81 -13.15 -52.13
C LYS L 63 9.80 -13.59 -50.67
N GLU L 64 8.69 -13.30 -49.99
CA GLU L 64 8.47 -13.66 -48.59
C GLU L 64 9.54 -13.06 -47.68
N SER L 65 10.13 -11.94 -48.08
CA SER L 65 11.10 -11.26 -47.24
C SER L 65 10.40 -10.55 -46.09
N THR L 66 11.10 -10.48 -44.95
CA THR L 66 10.55 -9.89 -43.74
C THR L 66 10.96 -8.42 -43.67
N LEU L 67 9.98 -7.53 -43.79
CA LEU L 67 10.24 -6.11 -43.71
C LEU L 67 9.84 -5.57 -42.34
N HIS L 68 10.22 -4.33 -42.07
CA HIS L 68 9.90 -3.65 -40.82
C HIS L 68 9.37 -2.27 -41.15
N LEU L 69 8.19 -1.95 -40.60
CA LEU L 69 7.59 -0.64 -40.83
C LEU L 69 7.24 0.02 -39.50
N LEU L 73 8.01 7.52 -35.59
CA LEU L 73 9.20 8.34 -35.63
C LEU L 73 8.86 9.79 -35.97
N ARG L 74 8.70 10.07 -37.26
CA ARG L 74 8.35 11.42 -37.69
C ARG L 74 6.98 11.83 -37.17
N GLY L 75 6.01 10.92 -37.23
CA GLY L 75 4.68 11.23 -36.77
C GLY L 75 4.66 11.53 -35.28
ZN ZN O . -20.98 14.09 -18.23
ZN ZN P . -24.25 2.57 -25.95
#